data_6HN8
#
_entry.id   6HN8
#
_cell.length_a   60.905
_cell.length_b   120.375
_cell.length_c   145.951
_cell.angle_alpha   90.00
_cell.angle_beta   90.00
_cell.angle_gamma   90.00
#
_symmetry.space_group_name_H-M   'P 21 21 21'
#
loop_
_entity.id
_entity.type
_entity.pdbx_description
1 polymer 'Bifunctional cytochrome P450/NADPH--P450 reductase'
2 non-polymer 'PROTOPORPHYRIN IX CONTAINING FE'
3 non-polymer (5R)-5-(4-{[(2R)-6-HYDROXY-2,5,7,8-TETRAMETHYL-3,4-DIHYDRO-2H-CHROMEN-2-YL]METHOXY}BENZYL)-1,3-THIAZOLIDINE-2,4-DIONE
4 water water
#
_entity_poly.entity_id   1
_entity_poly.type   'polypeptide(L)'
_entity_poly.pdbx_seq_one_letter_code
;BMTIKEMPQPKTFGELKNLPLLNTDKPVQALMKIADELGEIFKFEAPGRVTRYLSSQRLIKEACDESRFDKNLSQALKFV
RDFFGDGLVTSWTHEKNWKKAHNILLPSFSQQAMKGYHAMMVDIAVQLVQKWERLNADEHIEVPEDMTRLTLDTIGLCGF
NYRFNSFYRDQPHPFITSMVRALDEAMNKLQRANPDDPAYDENKRQFQEDIKVMNDLVDKIIADRKASGEQSDDLLTHML
NGKDPETGEPLDDENIRYQIITFLIAGHETTSGLLSFALYFLVKNPHVLQKAAEEAARVLVDPVPSYKQVKQLKYVGMVL
NEALRLWPTAPAFSLYAKEDTVLGGEYPLEKGDELMVLIPQLHRDKTIWGDDVEEFRPERFENPSAIPQHAFKPFGNGQR
ACIGQQFALHEATLVLGMMLKHFDFEDHTNYELDIKETLTLKPEGFVVKAKSKKIPL
;
_entity_poly.pdbx_strand_id   A,B
#
loop_
_chem_comp.id
_chem_comp.type
_chem_comp.name
_chem_comp.formula
HEM non-polymer 'PROTOPORPHYRIN IX CONTAINING FE' 'C34 H32 Fe N4 O4'
TDZ non-polymer (5R)-5-(4-{[(2R)-6-HYDROXY-2,5,7,8-TETRAMETHYL-3,4-DIHYDRO-2H-CHROMEN-2-YL]METHOXY}BENZYL)-1,3-THIAZOLIDINE-2,4-DIONE 'C24 H27 N O5 S'
#
# COMPACT_ATOMS: atom_id res chain seq x y z
N LYS A 5 4.34 -14.04 -16.39
CA LYS A 5 3.12 -13.73 -17.11
C LYS A 5 2.69 -12.30 -16.84
N GLU A 6 2.31 -11.59 -17.90
CA GLU A 6 1.95 -10.19 -17.78
C GLU A 6 0.61 -10.01 -17.08
N MET A 7 0.52 -8.98 -16.24
CA MET A 7 -0.70 -8.71 -15.50
C MET A 7 -1.70 -7.96 -16.38
N PRO A 8 -2.87 -8.51 -16.66
CA PRO A 8 -3.89 -7.73 -17.36
C PRO A 8 -4.26 -6.48 -16.56
N GLN A 9 -4.58 -5.41 -17.29
CA GLN A 9 -4.96 -4.15 -16.67
C GLN A 9 -5.81 -3.40 -17.68
N PRO A 10 -6.91 -2.76 -17.26
CA PRO A 10 -7.73 -2.00 -18.20
C PRO A 10 -7.07 -0.67 -18.55
N LYS A 11 -7.72 0.07 -19.45
CA LYS A 11 -7.17 1.32 -19.96
C LYS A 11 -6.94 2.32 -18.85
N THR A 12 -5.80 3.01 -18.91
CA THR A 12 -5.47 4.08 -17.99
C THR A 12 -5.68 5.45 -18.64
N PHE A 13 -5.77 6.48 -17.81
CA PHE A 13 -6.06 7.84 -18.26
C PHE A 13 -5.06 8.80 -17.60
N GLY A 14 -3.83 8.76 -18.07
CA GLY A 14 -2.80 9.64 -17.53
C GLY A 14 -2.62 9.45 -16.04
N GLU A 15 -2.55 10.56 -15.32
CA GLU A 15 -2.34 10.52 -13.87
C GLU A 15 -3.62 10.19 -13.10
N LEU A 16 -4.76 10.05 -13.78
CA LEU A 16 -5.95 9.51 -13.14
C LEU A 16 -5.97 7.99 -13.14
N LYS A 17 -5.04 7.34 -13.83
CA LYS A 17 -4.89 5.88 -13.84
C LYS A 17 -6.22 5.28 -14.29
N ASN A 18 -6.70 4.20 -13.67
CA ASN A 18 -7.93 3.52 -14.03
C ASN A 18 -9.17 4.15 -13.39
N LEU A 19 -9.00 5.20 -12.60
CA LEU A 19 -10.12 5.73 -11.82
C LEU A 19 -11.31 6.12 -12.68
N PRO A 20 -11.14 6.74 -13.85
CA PRO A 20 -12.30 7.11 -14.67
C PRO A 20 -13.16 5.93 -15.10
N LEU A 21 -12.66 4.70 -15.02
CA LEU A 21 -13.45 3.56 -15.49
C LEU A 21 -14.58 3.21 -14.55
N LEU A 22 -14.52 3.67 -13.30
CA LEU A 22 -15.64 3.49 -12.40
C LEU A 22 -16.61 4.66 -12.56
N ASN A 23 -16.43 5.73 -11.79
CA ASN A 23 -17.33 6.87 -11.88
C ASN A 23 -18.78 6.39 -11.98
N THR A 24 -19.29 5.81 -10.89
CA THR A 24 -20.56 5.12 -10.89
C THR A 24 -20.97 4.92 -9.44
N ASP A 25 -22.28 4.86 -9.21
CA ASP A 25 -22.79 4.50 -7.90
C ASP A 25 -22.88 2.98 -7.72
N LYS A 26 -22.36 2.21 -8.67
CA LYS A 26 -22.37 0.74 -8.61
C LYS A 26 -20.99 0.23 -8.99
N PRO A 27 -19.98 0.50 -8.17
CA PRO A 27 -18.60 0.14 -8.56
C PRO A 27 -18.34 -1.35 -8.61
N VAL A 28 -18.84 -2.14 -7.65
CA VAL A 28 -18.58 -3.58 -7.66
C VAL A 28 -19.15 -4.20 -8.93
N GLN A 29 -20.35 -3.80 -9.32
CA GLN A 29 -20.93 -4.33 -10.55
C GLN A 29 -20.12 -3.91 -11.77
N ALA A 30 -19.52 -2.71 -11.75
CA ALA A 30 -18.61 -2.31 -12.82
C ALA A 30 -17.37 -3.19 -12.82
N LEU A 31 -16.81 -3.46 -11.64
CA LEU A 31 -15.62 -4.31 -11.56
C LEU A 31 -15.90 -5.73 -12.02
N MET A 32 -17.12 -6.23 -11.78
CA MET A 32 -17.48 -7.55 -12.28
C MET A 32 -17.40 -7.59 -13.80
N LYS A 33 -17.87 -6.53 -14.46
CA LYS A 33 -17.78 -6.47 -15.92
C LYS A 33 -16.32 -6.49 -16.39
N ILE A 34 -15.45 -5.73 -15.73
CA ILE A 34 -14.04 -5.76 -16.09
C ILE A 34 -13.47 -7.16 -15.88
N ALA A 35 -13.83 -7.81 -14.77
CA ALA A 35 -13.36 -9.17 -14.54
C ALA A 35 -13.81 -10.12 -15.64
N ASP A 36 -15.02 -9.93 -16.15
CA ASP A 36 -15.51 -10.77 -17.23
C ASP A 36 -14.70 -10.55 -18.51
N GLU A 37 -14.20 -9.34 -18.71
CA GLU A 37 -13.40 -9.04 -19.89
C GLU A 37 -11.98 -9.57 -19.76
N LEU A 38 -11.36 -9.43 -18.58
CA LEU A 38 -9.94 -9.68 -18.41
C LEU A 38 -9.61 -10.98 -17.69
N GLY A 39 -10.58 -11.64 -17.07
CA GLY A 39 -10.34 -12.95 -16.52
C GLY A 39 -10.06 -13.01 -15.03
N GLU A 40 -9.25 -13.98 -14.62
CA GLU A 40 -9.16 -14.35 -13.22
C GLU A 40 -8.43 -13.30 -12.38
N ILE A 41 -7.63 -12.43 -12.99
CA ILE A 41 -6.91 -11.42 -12.24
C ILE A 41 -6.65 -10.22 -13.15
N PHE A 42 -6.80 -9.02 -12.60
CA PHE A 42 -6.39 -7.81 -13.30
C PHE A 42 -5.95 -6.76 -12.28
N LYS A 43 -4.96 -5.98 -12.68
CA LYS A 43 -4.49 -4.86 -11.88
C LYS A 43 -5.38 -3.65 -12.10
N PHE A 44 -5.59 -2.88 -11.04
CA PHE A 44 -6.42 -1.67 -11.11
C PHE A 44 -5.75 -0.60 -10.27
N GLU A 45 -5.44 0.53 -10.89
CA GLU A 45 -4.74 1.62 -10.21
C GLU A 45 -5.63 2.85 -10.08
N ALA A 46 -5.56 3.47 -8.92
CA ALA A 46 -6.06 4.83 -8.74
C ALA A 46 -4.87 5.69 -8.36
N PRO A 47 -4.96 7.01 -8.42
CA PRO A 47 -3.89 7.83 -7.85
C PRO A 47 -3.63 7.43 -6.41
N GLY A 48 -2.43 6.95 -6.10
CA GLY A 48 -2.07 6.64 -4.75
C GLY A 48 -2.32 5.22 -4.29
N ARG A 49 -2.74 4.31 -5.16
CA ARG A 49 -2.90 2.94 -4.72
C ARG A 49 -3.05 1.99 -5.91
N VAL A 50 -2.79 0.72 -5.63
CA VAL A 50 -2.84 -0.36 -6.62
C VAL A 50 -3.58 -1.54 -6.00
N THR A 51 -4.46 -2.15 -6.78
CA THR A 51 -5.18 -3.34 -6.33
C THR A 51 -5.17 -4.38 -7.44
N ARG A 52 -5.08 -5.64 -7.06
CA ARG A 52 -5.20 -6.76 -7.99
C ARG A 52 -6.46 -7.53 -7.63
N TYR A 53 -7.43 -7.50 -8.54
CA TYR A 53 -8.75 -8.08 -8.30
C TYR A 53 -8.75 -9.54 -8.76
N LEU A 54 -9.12 -10.44 -7.85
CA LEU A 54 -9.14 -11.87 -8.13
C LEU A 54 -10.58 -12.34 -8.35
N SER A 55 -10.76 -13.25 -9.31
CA SER A 55 -12.07 -13.76 -9.66
C SER A 55 -12.15 -15.29 -9.72
N SER A 56 -11.02 -16.00 -9.78
CA SER A 56 -11.05 -17.45 -9.93
C SER A 56 -10.80 -18.13 -8.59
N GLN A 57 -11.45 -19.28 -8.41
CA GLN A 57 -11.22 -20.08 -7.21
C GLN A 57 -9.76 -20.52 -7.13
N ARG A 58 -9.11 -20.72 -8.27
CA ARG A 58 -7.72 -21.14 -8.29
C ARG A 58 -6.82 -20.13 -7.58
N LEU A 59 -6.97 -18.85 -7.92
CA LEU A 59 -6.13 -17.82 -7.33
C LEU A 59 -6.60 -17.44 -5.93
N ILE A 60 -7.93 -17.40 -5.72
CA ILE A 60 -8.47 -17.01 -4.43
C ILE A 60 -8.11 -18.04 -3.37
N LYS A 61 -8.11 -19.32 -3.76
CA LYS A 61 -7.66 -20.39 -2.86
C LYS A 61 -6.26 -20.10 -2.31
N GLU A 62 -5.35 -19.68 -3.19
CA GLU A 62 -4.00 -19.31 -2.74
C GLU A 62 -4.03 -18.07 -1.85
N ALA A 63 -4.79 -17.06 -2.26
CA ALA A 63 -4.87 -15.83 -1.48
C ALA A 63 -5.35 -16.11 -0.05
N CYS A 64 -6.13 -17.15 0.14
CA CYS A 64 -6.67 -17.50 1.45
C CYS A 64 -5.69 -18.31 2.30
N ASP A 65 -4.47 -18.52 1.82
CA ASP A 65 -3.42 -19.18 2.59
C ASP A 65 -2.86 -18.18 3.58
N GLU A 66 -3.24 -18.32 4.85
CA GLU A 66 -2.86 -17.33 5.86
C GLU A 66 -1.38 -17.36 6.18
N SER A 67 -0.65 -18.41 5.78
CA SER A 67 0.79 -18.41 5.97
C SER A 67 1.48 -17.45 5.00
N ARG A 68 0.79 -17.06 3.92
CA ARG A 68 1.37 -16.18 2.92
C ARG A 68 0.66 -14.84 2.79
N PHE A 69 -0.61 -14.76 3.17
CA PHE A 69 -1.40 -13.55 3.01
C PHE A 69 -2.21 -13.31 4.29
N ASP A 70 -2.28 -12.06 4.70
CA ASP A 70 -3.07 -11.65 5.85
C ASP A 70 -4.15 -10.68 5.39
N LYS A 71 -5.17 -10.50 6.24
CA LYS A 71 -6.21 -9.53 5.93
C LYS A 71 -5.59 -8.15 5.75
N ASN A 72 -6.04 -7.45 4.71
CA ASN A 72 -5.63 -6.09 4.44
C ASN A 72 -6.76 -5.13 4.78
N LEU A 73 -6.40 -3.95 5.26
CA LEU A 73 -7.35 -2.85 5.38
C LEU A 73 -7.36 -2.13 4.05
N SER A 74 -8.27 -2.55 3.17
CA SER A 74 -8.48 -1.88 1.90
C SER A 74 -8.71 -0.39 2.13
N GLN A 75 -8.63 0.41 1.06
CA GLN A 75 -8.97 1.81 1.19
C GLN A 75 -10.39 1.99 1.72
N ALA A 76 -11.29 1.10 1.31
CA ALA A 76 -12.67 1.15 1.80
C ALA A 76 -12.71 0.99 3.32
N LEU A 77 -12.02 -0.03 3.83
CA LEU A 77 -11.99 -0.24 5.28
C LEU A 77 -11.30 0.92 5.99
N LYS A 78 -10.29 1.52 5.37
CA LYS A 78 -9.61 2.65 5.97
C LYS A 78 -10.55 3.85 6.10
N PHE A 79 -11.42 4.07 5.11
CA PHE A 79 -12.42 5.13 5.22
C PHE A 79 -13.48 4.78 6.25
N VAL A 80 -13.95 3.53 6.26
CA VAL A 80 -14.96 3.12 7.23
C VAL A 80 -14.40 3.18 8.64
N ARG A 81 -13.07 3.06 8.77
CA ARG A 81 -12.44 3.17 10.08
C ARG A 81 -12.71 4.53 10.72
N ASP A 82 -13.06 5.54 9.93
CA ASP A 82 -13.40 6.85 10.50
C ASP A 82 -14.55 6.76 11.50
N PHE A 83 -15.40 5.73 11.41
CA PHE A 83 -16.40 5.50 12.45
C PHE A 83 -16.38 4.09 13.04
N PHE A 84 -15.78 3.11 12.37
CA PHE A 84 -15.56 1.80 12.97
C PHE A 84 -14.33 1.74 13.87
N GLY A 85 -13.42 2.71 13.74
CA GLY A 85 -12.24 2.74 14.57
C GLY A 85 -11.45 1.45 14.49
N ASP A 86 -10.89 1.03 15.62
CA ASP A 86 -10.16 -0.23 15.69
C ASP A 86 -11.02 -1.38 16.19
N GLY A 87 -12.31 -1.37 15.85
CA GLY A 87 -13.17 -2.51 16.08
C GLY A 87 -12.75 -3.71 15.27
N LEU A 88 -13.49 -4.81 15.38
CA LEU A 88 -13.03 -6.07 14.81
C LEU A 88 -12.94 -6.03 13.29
N VAL A 89 -13.79 -5.26 12.62
CA VAL A 89 -13.80 -5.27 11.17
C VAL A 89 -12.64 -4.47 10.60
N THR A 90 -12.19 -3.42 11.29
CA THR A 90 -11.28 -2.43 10.72
C THR A 90 -9.94 -2.36 11.44
N SER A 91 -9.59 -3.39 12.21
CA SER A 91 -8.28 -3.45 12.86
C SER A 91 -7.39 -4.44 12.12
N TRP A 92 -6.08 -4.15 12.13
CA TRP A 92 -5.11 -5.10 11.58
C TRP A 92 -5.04 -6.32 12.48
N THR A 93 -4.73 -7.48 11.86
CA THR A 93 -4.64 -8.71 12.62
C THR A 93 -3.61 -8.61 13.74
N HIS A 94 -2.52 -7.89 13.49
CA HIS A 94 -1.45 -7.71 14.47
C HIS A 94 -1.61 -6.42 15.26
N GLU A 95 -2.72 -5.71 15.10
CA GLU A 95 -3.08 -4.62 16.01
C GLU A 95 -3.63 -5.23 17.29
N LYS A 96 -3.04 -4.83 18.43
CA LYS A 96 -3.30 -5.54 19.68
C LYS A 96 -4.79 -5.70 19.96
N ASN A 97 -5.58 -4.65 19.70
CA ASN A 97 -6.99 -4.71 20.05
C ASN A 97 -7.81 -5.65 19.17
N TRP A 98 -7.27 -6.17 18.07
CA TRP A 98 -8.03 -7.15 17.31
C TRP A 98 -8.11 -8.47 18.06
N LYS A 99 -6.95 -9.08 18.34
CA LYS A 99 -6.93 -10.35 19.03
C LYS A 99 -7.58 -10.24 20.40
N LYS A 100 -7.34 -9.13 21.10
CA LYS A 100 -7.91 -8.93 22.43
C LYS A 100 -9.43 -8.92 22.38
N ALA A 101 -10.00 -8.15 21.44
CA ALA A 101 -11.45 -8.10 21.32
C ALA A 101 -12.02 -9.41 20.78
N HIS A 102 -11.29 -10.06 19.86
CA HIS A 102 -11.75 -11.34 19.34
C HIS A 102 -11.89 -12.35 20.47
N ASN A 103 -10.89 -12.47 21.34
CA ASN A 103 -10.96 -13.41 22.45
C ASN A 103 -12.07 -13.03 23.42
N ILE A 104 -12.27 -11.74 23.65
CA ILE A 104 -13.26 -11.29 24.62
C ILE A 104 -14.67 -11.50 24.10
N LEU A 105 -14.89 -11.35 22.78
CA LEU A 105 -16.23 -11.35 22.22
C LEU A 105 -16.64 -12.67 21.58
N LEU A 106 -15.69 -13.55 21.28
CA LEU A 106 -16.05 -14.84 20.67
C LEU A 106 -17.05 -15.62 21.50
N PRO A 107 -17.02 -15.61 22.83
CA PRO A 107 -18.03 -16.37 23.60
C PRO A 107 -19.46 -15.90 23.33
N SER A 108 -19.65 -14.65 22.89
CA SER A 108 -21.00 -14.17 22.60
C SER A 108 -21.60 -14.81 21.36
N PHE A 109 -20.84 -15.63 20.63
CA PHE A 109 -21.34 -16.31 19.45
C PHE A 109 -21.21 -17.82 19.57
N SER A 110 -21.07 -18.33 20.79
CA SER A 110 -21.09 -19.76 21.04
C SER A 110 -22.48 -20.33 20.71
N GLN A 111 -22.54 -21.65 20.67
CA GLN A 111 -23.83 -22.32 20.47
C GLN A 111 -24.78 -21.99 21.61
N GLN A 112 -24.29 -22.01 22.86
CA GLN A 112 -25.15 -21.72 23.99
C GLN A 112 -25.65 -20.28 23.95
N ALA A 113 -24.80 -19.36 23.50
CA ALA A 113 -25.24 -17.97 23.37
C ALA A 113 -26.31 -17.85 22.28
N MET A 114 -26.10 -18.50 21.14
CA MET A 114 -27.10 -18.45 20.08
C MET A 114 -28.47 -18.88 20.59
N LYS A 115 -28.50 -20.00 21.32
CA LYS A 115 -29.78 -20.46 21.88
C LYS A 115 -30.40 -19.42 22.80
N GLY A 116 -29.57 -18.66 23.52
CA GLY A 116 -30.10 -17.60 24.36
C GLY A 116 -30.69 -16.46 23.56
N TYR A 117 -30.16 -16.19 22.37
CA TYR A 117 -30.67 -15.10 21.54
C TYR A 117 -31.98 -15.43 20.84
N HIS A 118 -32.33 -16.71 20.74
CA HIS A 118 -33.45 -17.11 19.88
C HIS A 118 -34.73 -16.38 20.26
N ALA A 119 -35.07 -16.35 21.55
CA ALA A 119 -36.33 -15.76 21.97
C ALA A 119 -36.43 -14.30 21.56
N MET A 120 -35.32 -13.55 21.65
CA MET A 120 -35.34 -12.15 21.27
C MET A 120 -35.44 -12.00 19.75
N MET A 121 -34.80 -12.89 18.99
CA MET A 121 -34.99 -12.89 17.54
C MET A 121 -36.46 -13.08 17.20
N VAL A 122 -37.13 -13.98 17.92
CA VAL A 122 -38.55 -14.23 17.69
C VAL A 122 -39.36 -12.98 18.02
N ASP A 123 -38.96 -12.26 19.07
CA ASP A 123 -39.63 -11.01 19.43
C ASP A 123 -39.70 -10.08 18.23
N ILE A 124 -38.58 -9.84 17.56
CA ILE A 124 -38.57 -8.92 16.43
C ILE A 124 -39.27 -9.53 15.22
N ALA A 125 -39.05 -10.83 14.99
CA ALA A 125 -39.70 -11.49 13.87
C ALA A 125 -41.21 -11.41 13.98
N VAL A 126 -41.75 -11.57 15.20
CA VAL A 126 -43.20 -11.44 15.39
C VAL A 126 -43.65 -10.03 15.02
N GLN A 127 -42.86 -9.01 15.36
CA GLN A 127 -43.22 -7.64 14.99
C GLN A 127 -43.29 -7.47 13.49
N LEU A 128 -42.36 -8.09 12.76
CA LEU A 128 -42.41 -8.03 11.30
C LEU A 128 -43.69 -8.67 10.77
N VAL A 129 -44.00 -9.88 11.25
CA VAL A 129 -45.19 -10.57 10.79
C VAL A 129 -46.43 -9.73 11.07
N GLN A 130 -46.53 -9.17 12.28
CA GLN A 130 -47.71 -8.42 12.65
C GLN A 130 -47.88 -7.18 11.79
N LYS A 131 -46.78 -6.50 11.46
CA LYS A 131 -46.88 -5.34 10.59
C LYS A 131 -47.54 -5.72 9.26
N TRP A 132 -47.08 -6.80 8.65
CA TRP A 132 -47.60 -7.19 7.35
C TRP A 132 -49.03 -7.72 7.46
N GLU A 133 -49.36 -8.41 8.56
CA GLU A 133 -50.74 -8.81 8.80
C GLU A 133 -51.68 -7.62 8.84
N ARG A 134 -51.19 -6.48 9.31
CA ARG A 134 -52.03 -5.33 9.59
C ARG A 134 -52.10 -4.33 8.42
N LEU A 135 -51.46 -4.63 7.31
CA LEU A 135 -51.56 -3.76 6.15
C LEU A 135 -52.93 -3.91 5.50
N ASN A 136 -53.46 -2.81 4.98
CA ASN A 136 -54.70 -2.85 4.23
C ASN A 136 -54.43 -3.37 2.82
N ALA A 137 -55.51 -3.71 2.10
CA ALA A 137 -55.36 -4.36 0.81
C ALA A 137 -54.68 -3.45 -0.22
N ASP A 138 -54.88 -2.15 -0.11
CA ASP A 138 -54.29 -1.21 -1.08
C ASP A 138 -52.82 -0.93 -0.83
N GLU A 139 -52.23 -1.50 0.23
CA GLU A 139 -50.85 -1.23 0.60
C GLU A 139 -49.92 -2.31 0.09
N HIS A 140 -48.62 -2.05 0.20
CA HIS A 140 -47.60 -2.99 -0.22
C HIS A 140 -46.42 -2.91 0.75
N ILE A 141 -45.43 -3.77 0.51
CA ILE A 141 -44.28 -3.91 1.40
C ILE A 141 -43.04 -3.38 0.70
N GLU A 142 -42.29 -2.52 1.39
CA GLU A 142 -40.97 -2.10 0.96
C GLU A 142 -39.97 -3.07 1.58
N VAL A 143 -39.47 -4.00 0.78
CA VAL A 143 -38.81 -5.20 1.32
C VAL A 143 -37.50 -4.83 2.02
N PRO A 144 -36.51 -4.24 1.35
CA PRO A 144 -35.26 -3.95 2.06
C PRO A 144 -35.46 -3.01 3.25
N GLU A 145 -36.43 -2.10 3.17
CA GLU A 145 -36.69 -1.22 4.30
C GLU A 145 -37.18 -2.00 5.52
N ASP A 146 -38.11 -2.94 5.31
CA ASP A 146 -38.63 -3.72 6.42
C ASP A 146 -37.62 -4.76 6.91
N MET A 147 -36.80 -5.31 6.02
CA MET A 147 -35.73 -6.21 6.47
C MET A 147 -34.72 -5.47 7.33
N THR A 148 -34.46 -4.19 7.02
CA THR A 148 -33.56 -3.39 7.84
C THR A 148 -34.18 -3.10 9.20
N ARG A 149 -35.49 -2.92 9.24
CA ARG A 149 -36.14 -2.69 10.55
C ARG A 149 -35.88 -3.96 11.40
N LEU A 150 -36.24 -5.10 10.83
CA LEU A 150 -36.08 -6.39 11.51
C LEU A 150 -34.59 -6.63 12.00
N THR A 151 -33.62 -6.57 11.08
CA THR A 151 -32.21 -6.96 11.40
C THR A 151 -31.53 -5.94 12.40
N LEU A 152 -31.79 -4.65 12.21
CA LEU A 152 -31.24 -3.68 13.16
C LEU A 152 -31.80 -3.93 14.55
N ASP A 153 -33.13 -4.08 14.66
CA ASP A 153 -33.73 -4.31 15.97
C ASP A 153 -33.26 -5.62 16.58
N THR A 154 -32.96 -6.62 15.75
CA THR A 154 -32.51 -7.91 16.29
C THR A 154 -31.13 -7.79 16.91
N ILE A 155 -30.18 -7.14 16.22
CA ILE A 155 -28.85 -7.01 16.81
C ILE A 155 -28.91 -6.04 17.98
N GLY A 156 -29.75 -5.01 17.90
CA GLY A 156 -29.90 -4.11 19.02
C GLY A 156 -30.40 -4.79 20.28
N LEU A 157 -31.42 -5.64 20.13
CA LEU A 157 -31.98 -6.33 21.29
C LEU A 157 -31.07 -7.46 21.76
N CYS A 158 -30.63 -8.33 20.84
CA CYS A 158 -29.81 -9.47 21.23
C CYS A 158 -28.46 -9.02 21.76
N GLY A 159 -27.85 -8.02 21.15
CA GLY A 159 -26.49 -7.65 21.49
C GLY A 159 -26.38 -6.65 22.63
N PHE A 160 -27.39 -5.78 22.77
CA PHE A 160 -27.27 -4.63 23.65
C PHE A 160 -28.52 -4.38 24.49
N ASN A 161 -29.50 -5.28 24.46
CA ASN A 161 -30.74 -5.12 25.20
C ASN A 161 -31.32 -3.72 24.97
N TYR A 162 -31.19 -3.22 23.75
CA TYR A 162 -31.66 -1.90 23.36
C TYR A 162 -32.68 -2.05 22.25
N ARG A 163 -33.79 -1.34 22.37
CA ARG A 163 -34.88 -1.44 21.40
C ARG A 163 -34.88 -0.20 20.51
N PHE A 164 -34.47 -0.39 19.25
CA PHE A 164 -34.58 0.67 18.26
C PHE A 164 -36.03 0.99 17.93
N ASN A 165 -36.93 0.02 18.12
CA ASN A 165 -38.34 0.20 17.82
C ASN A 165 -38.55 0.70 16.40
N SER A 166 -37.87 0.04 15.45
CA SER A 166 -37.94 0.46 14.06
C SER A 166 -39.33 0.26 13.46
N PHE A 167 -40.09 -0.72 13.97
CA PHE A 167 -41.44 -0.94 13.47
C PHE A 167 -42.44 0.07 14.03
N TYR A 168 -42.02 0.95 14.93
CA TYR A 168 -42.84 2.06 15.37
C TYR A 168 -42.51 3.35 14.62
N ARG A 169 -41.75 3.25 13.54
CA ARG A 169 -41.39 4.39 12.71
C ARG A 169 -41.76 4.08 11.27
N ASP A 170 -42.43 5.05 10.63
N ASP A 170 -42.42 5.02 10.60
CA ASP A 170 -42.86 4.94 9.25
CA ASP A 170 -42.80 4.78 9.21
C ASP A 170 -41.69 5.10 8.29
C ASP A 170 -41.71 5.16 8.23
N GLN A 171 -40.72 5.92 8.64
CA GLN A 171 -39.53 6.19 7.85
C GLN A 171 -38.35 5.47 8.47
N PRO A 172 -37.25 5.33 7.73
CA PRO A 172 -36.08 4.65 8.30
C PRO A 172 -35.63 5.30 9.59
N HIS A 173 -35.15 4.47 10.51
CA HIS A 173 -34.62 4.96 11.77
C HIS A 173 -33.48 5.95 11.49
N PRO A 174 -33.37 7.04 12.25
CA PRO A 174 -32.29 8.01 11.97
C PRO A 174 -30.90 7.39 11.95
N PHE A 175 -30.64 6.41 12.82
CA PHE A 175 -29.37 5.70 12.79
C PHE A 175 -29.11 5.09 11.42
N ILE A 176 -30.15 4.51 10.81
CA ILE A 176 -30.00 3.91 9.48
C ILE A 176 -29.69 4.99 8.45
N THR A 177 -30.42 6.10 8.50
CA THR A 177 -30.21 7.15 7.51
C THR A 177 -28.78 7.69 7.57
N SER A 178 -28.25 7.85 8.78
CA SER A 178 -26.86 8.29 8.93
C SER A 178 -25.89 7.21 8.47
N MET A 179 -26.20 5.95 8.77
CA MET A 179 -25.33 4.85 8.34
C MET A 179 -25.23 4.79 6.82
N VAL A 180 -26.38 4.83 6.14
CA VAL A 180 -26.38 4.75 4.69
C VAL A 180 -25.56 5.89 4.10
N ARG A 181 -25.74 7.11 4.60
CA ARG A 181 -25.00 8.25 4.08
C ARG A 181 -23.50 8.11 4.35
N ALA A 182 -23.14 7.55 5.50
CA ALA A 182 -21.74 7.37 5.83
C ALA A 182 -21.10 6.30 4.95
N LEU A 183 -21.79 5.17 4.78
CA LEU A 183 -21.28 4.13 3.89
C LEU A 183 -21.19 4.64 2.44
N ASP A 184 -22.21 5.37 1.99
N ASP A 184 -22.20 5.38 1.99
CA ASP A 184 -22.17 5.94 0.65
CA ASP A 184 -22.17 5.94 0.65
C ASP A 184 -20.98 6.87 0.49
C ASP A 184 -20.99 6.89 0.47
N GLU A 185 -20.71 7.70 1.49
CA GLU A 185 -19.59 8.63 1.41
C GLU A 185 -18.27 7.88 1.30
N ALA A 186 -18.08 6.85 2.13
CA ALA A 186 -16.88 6.04 2.04
C ALA A 186 -16.72 5.45 0.64
N MET A 187 -17.81 4.93 0.07
CA MET A 187 -17.74 4.36 -1.27
C MET A 187 -17.41 5.43 -2.30
N ASN A 188 -18.07 6.59 -2.21
CA ASN A 188 -17.83 7.65 -3.17
C ASN A 188 -16.41 8.20 -3.08
N LYS A 189 -15.83 8.22 -1.88
CA LYS A 189 -14.47 8.72 -1.74
C LYS A 189 -13.47 7.87 -2.50
N LEU A 190 -13.77 6.59 -2.70
CA LEU A 190 -12.87 5.74 -3.46
C LEU A 190 -12.69 6.23 -4.89
N GLN A 191 -13.64 7.00 -5.42
CA GLN A 191 -13.65 7.36 -6.83
C GLN A 191 -13.30 8.82 -7.11
N ARG A 192 -13.16 9.68 -6.10
CA ARG A 192 -13.01 11.11 -6.36
C ARG A 192 -11.54 11.48 -6.44
N ALA A 193 -11.16 12.09 -7.56
CA ALA A 193 -9.76 12.36 -7.86
C ALA A 193 -9.16 13.38 -6.89
N ASN A 194 -9.89 14.46 -6.62
CA ASN A 194 -9.38 15.57 -5.82
C ASN A 194 -10.23 15.69 -4.56
N PRO A 195 -9.93 14.90 -3.52
CA PRO A 195 -10.80 14.88 -2.34
C PRO A 195 -10.83 16.18 -1.54
N ASP A 196 -9.84 17.07 -1.70
CA ASP A 196 -9.83 18.32 -0.97
C ASP A 196 -10.45 19.47 -1.75
N ASP A 197 -11.02 19.18 -2.92
CA ASP A 197 -11.74 20.20 -3.67
C ASP A 197 -12.89 20.75 -2.83
N PRO A 198 -13.04 22.07 -2.71
CA PRO A 198 -14.18 22.62 -1.95
C PRO A 198 -15.52 22.00 -2.29
N ALA A 199 -15.71 21.47 -3.49
CA ALA A 199 -16.99 20.87 -3.84
C ALA A 199 -17.37 19.73 -2.88
N TYR A 200 -16.43 19.21 -2.10
CA TYR A 200 -16.68 18.13 -1.18
C TYR A 200 -16.74 18.58 0.27
N ASP A 201 -16.75 19.89 0.52
CA ASP A 201 -16.83 20.38 1.90
C ASP A 201 -18.15 19.96 2.55
N GLU A 202 -19.25 20.04 1.80
CA GLU A 202 -20.54 19.66 2.36
C GLU A 202 -20.58 18.16 2.65
N ASN A 203 -19.96 17.35 1.79
CA ASN A 203 -19.85 15.92 2.08
C ASN A 203 -19.14 15.67 3.40
N LYS A 204 -18.03 16.38 3.64
CA LYS A 204 -17.27 16.18 4.86
C LYS A 204 -18.06 16.62 6.09
N ARG A 205 -18.78 17.74 5.98
CA ARG A 205 -19.59 18.19 7.11
C ARG A 205 -20.70 17.19 7.40
N GLN A 206 -21.34 16.66 6.36
CA GLN A 206 -22.39 15.66 6.55
C GLN A 206 -21.82 14.37 7.14
N PHE A 207 -20.62 13.98 6.68
CA PHE A 207 -19.97 12.78 7.19
C PHE A 207 -19.77 12.87 8.70
N GLN A 208 -19.27 14.02 9.18
CA GLN A 208 -19.07 14.19 10.62
C GLN A 208 -20.40 14.20 11.36
N GLU A 209 -21.42 14.82 10.76
CA GLU A 209 -22.74 14.85 11.38
C GLU A 209 -23.32 13.44 11.52
N ASP A 210 -23.11 12.60 10.49
CA ASP A 210 -23.59 11.22 10.55
C ASP A 210 -22.81 10.39 11.56
N ILE A 211 -21.51 10.64 11.69
CA ILE A 211 -20.74 9.95 12.72
C ILE A 211 -21.24 10.34 14.10
N LYS A 212 -21.64 11.60 14.28
CA LYS A 212 -22.15 12.04 15.57
C LYS A 212 -23.48 11.38 15.89
N VAL A 213 -24.37 11.27 14.89
CA VAL A 213 -25.63 10.57 15.10
C VAL A 213 -25.37 9.16 15.60
N MET A 214 -24.41 8.47 14.98
CA MET A 214 -24.06 7.12 15.42
C MET A 214 -23.61 7.13 16.88
N ASN A 215 -22.75 8.08 17.25
CA ASN A 215 -22.20 8.08 18.60
C ASN A 215 -23.19 8.58 19.64
N ASP A 216 -24.13 9.45 19.26
CA ASP A 216 -25.21 9.79 20.16
C ASP A 216 -26.04 8.55 20.49
N LEU A 217 -26.21 7.66 19.51
CA LEU A 217 -26.94 6.41 19.76
C LEU A 217 -26.16 5.50 20.69
N VAL A 218 -24.84 5.40 20.47
CA VAL A 218 -23.99 4.64 21.38
C VAL A 218 -24.15 5.13 22.81
N ASP A 219 -24.22 6.45 22.98
CA ASP A 219 -24.38 7.01 24.32
C ASP A 219 -25.65 6.49 24.99
N LYS A 220 -26.75 6.42 24.26
CA LYS A 220 -27.99 5.92 24.83
C LYS A 220 -27.87 4.44 25.23
N ILE A 221 -27.22 3.65 24.40
CA ILE A 221 -27.02 2.23 24.71
C ILE A 221 -26.24 2.08 26.01
N ILE A 222 -25.15 2.85 26.14
CA ILE A 222 -24.33 2.77 27.34
C ILE A 222 -25.09 3.30 28.54
N ALA A 223 -25.80 4.41 28.39
CA ALA A 223 -26.56 4.97 29.49
C ALA A 223 -27.65 4.01 29.95
N ASP A 224 -28.34 3.38 29.00
CA ASP A 224 -29.43 2.48 29.37
C ASP A 224 -28.93 1.22 30.05
N ARG A 225 -27.76 0.71 29.66
CA ARG A 225 -27.17 -0.42 30.37
C ARG A 225 -26.82 -0.03 31.80
N LYS A 226 -26.21 1.16 31.96
CA LYS A 226 -25.83 1.63 33.29
C LYS A 226 -27.03 1.73 34.22
N ALA A 227 -28.19 2.09 33.70
CA ALA A 227 -29.39 2.27 34.50
C ALA A 227 -30.17 0.97 34.72
N SER A 228 -29.90 -0.06 33.92
CA SER A 228 -30.68 -1.29 33.99
C SER A 228 -30.51 -1.97 35.35
N GLY A 229 -31.60 -2.53 35.85
CA GLY A 229 -31.57 -3.32 37.06
C GLY A 229 -31.49 -4.80 36.77
N GLU A 230 -31.89 -5.18 35.55
CA GLU A 230 -31.73 -6.56 35.11
C GLU A 230 -30.26 -6.90 34.92
N GLN A 231 -29.97 -8.20 34.99
CA GLN A 231 -28.63 -8.71 34.73
C GLN A 231 -28.60 -9.34 33.34
N SER A 232 -27.79 -8.79 32.46
CA SER A 232 -27.58 -9.34 31.13
C SER A 232 -26.23 -10.05 31.06
N ASP A 233 -26.10 -10.93 30.07
CA ASP A 233 -24.83 -11.54 29.73
C ASP A 233 -24.73 -11.59 28.21
N ASP A 234 -24.90 -10.43 27.57
CA ASP A 234 -24.93 -10.34 26.13
C ASP A 234 -23.62 -9.77 25.61
N LEU A 235 -23.60 -9.40 24.32
CA LEU A 235 -22.40 -8.86 23.70
C LEU A 235 -21.87 -7.65 24.46
N LEU A 236 -22.76 -6.74 24.87
CA LEU A 236 -22.32 -5.56 25.59
C LEU A 236 -21.72 -5.92 26.94
N THR A 237 -22.29 -6.91 27.62
CA THR A 237 -21.72 -7.35 28.89
C THR A 237 -20.28 -7.80 28.71
N HIS A 238 -20.00 -8.55 27.65
CA HIS A 238 -18.63 -9.02 27.40
C HIS A 238 -17.71 -7.86 27.03
N MET A 239 -18.21 -6.92 26.22
CA MET A 239 -17.42 -5.72 25.93
C MET A 239 -16.99 -5.03 27.21
N LEU A 240 -17.90 -4.90 28.17
CA LEU A 240 -17.64 -4.10 29.36
C LEU A 240 -16.80 -4.86 30.38
N ASN A 241 -17.02 -6.17 30.53
CA ASN A 241 -16.44 -6.92 31.63
C ASN A 241 -15.35 -7.91 31.23
N GLY A 242 -15.27 -8.30 29.96
CA GLY A 242 -14.24 -9.24 29.57
C GLY A 242 -12.85 -8.69 29.78
N LYS A 243 -11.92 -9.58 30.11
CA LYS A 243 -10.54 -9.21 30.45
C LYS A 243 -9.56 -9.86 29.49
N ASP A 244 -8.48 -9.14 29.19
CA ASP A 244 -7.31 -9.74 28.57
C ASP A 244 -6.58 -10.57 29.62
N PRO A 245 -6.47 -11.90 29.46
CA PRO A 245 -5.80 -12.69 30.50
C PRO A 245 -4.39 -12.22 30.80
N GLU A 246 -3.70 -11.62 29.83
CA GLU A 246 -2.29 -11.26 30.03
C GLU A 246 -2.13 -10.00 30.86
N THR A 247 -3.03 -9.04 30.72
CA THR A 247 -2.91 -7.76 31.41
C THR A 247 -3.94 -7.55 32.51
N GLY A 248 -5.01 -8.35 32.52
CA GLY A 248 -6.10 -8.10 33.44
C GLY A 248 -6.94 -6.90 33.09
N GLU A 249 -6.73 -6.29 31.91
CA GLU A 249 -7.45 -5.09 31.52
C GLU A 249 -8.60 -5.43 30.58
N PRO A 250 -9.71 -4.73 30.67
CA PRO A 250 -10.76 -4.86 29.64
C PRO A 250 -10.40 -4.04 28.41
N LEU A 251 -11.23 -4.19 27.38
CA LEU A 251 -11.15 -3.27 26.26
C LEU A 251 -11.30 -1.84 26.76
N ASP A 252 -10.47 -0.94 26.25
CA ASP A 252 -10.57 0.45 26.65
C ASP A 252 -11.90 1.03 26.17
N ASP A 253 -12.32 2.12 26.83
CA ASP A 253 -13.63 2.70 26.57
C ASP A 253 -13.78 3.09 25.10
N GLU A 254 -12.70 3.60 24.52
CA GLU A 254 -12.75 4.06 23.13
C GLU A 254 -13.06 2.84 22.18
N ASN A 255 -12.37 1.74 22.41
CA ASN A 255 -12.58 0.57 21.59
C ASN A 255 -14.00 0.03 21.76
N ILE A 256 -14.51 0.03 23.00
CA ILE A 256 -15.87 -0.47 23.25
C ILE A 256 -16.87 0.29 22.39
N ARG A 257 -16.77 1.63 22.39
CA ARG A 257 -17.66 2.43 21.54
C ARG A 257 -17.55 2.00 20.08
N TYR A 258 -16.32 1.75 19.62
CA TYR A 258 -16.13 1.32 18.23
C TYR A 258 -16.74 -0.05 17.98
N GLN A 259 -16.64 -0.96 18.96
CA GLN A 259 -17.25 -2.28 18.78
C GLN A 259 -18.76 -2.18 18.72
N ILE A 260 -19.36 -1.27 19.51
CA ILE A 260 -20.81 -1.11 19.48
C ILE A 260 -21.25 -0.66 18.09
N ILE A 261 -20.61 0.38 17.55
CA ILE A 261 -20.93 0.84 16.20
C ILE A 261 -20.70 -0.28 15.20
N THR A 262 -19.55 -0.96 15.33
CA THR A 262 -19.21 -2.02 14.39
C THR A 262 -20.30 -3.09 14.35
N PHE A 263 -20.73 -3.56 15.52
CA PHE A 263 -21.69 -4.66 15.56
C PHE A 263 -23.11 -4.21 15.23
N LEU A 264 -23.48 -2.97 15.56
CA LEU A 264 -24.79 -2.48 15.16
C LEU A 264 -24.91 -2.42 13.65
N ILE A 265 -23.84 -1.99 12.97
CA ILE A 265 -23.88 -1.80 11.52
C ILE A 265 -23.56 -3.12 10.84
N ALA A 266 -22.38 -3.68 11.12
CA ALA A 266 -22.01 -4.94 10.50
C ALA A 266 -22.97 -6.06 10.87
N GLY A 267 -23.59 -5.97 12.04
CA GLY A 267 -24.48 -7.00 12.53
C GLY A 267 -25.90 -6.96 12.01
N HIS A 268 -26.21 -6.08 11.05
CA HIS A 268 -27.54 -6.07 10.46
C HIS A 268 -27.58 -5.76 8.98
N GLU A 269 -26.70 -4.91 8.44
CA GLU A 269 -26.85 -4.44 7.07
C GLU A 269 -26.80 -5.59 6.08
N THR A 270 -25.77 -6.44 6.17
CA THR A 270 -25.62 -7.52 5.20
C THR A 270 -26.70 -8.58 5.39
N THR A 271 -27.22 -8.75 6.60
CA THR A 271 -28.31 -9.70 6.81
C THR A 271 -29.61 -9.17 6.20
N SER A 272 -29.83 -7.85 6.28
CA SER A 272 -30.98 -7.26 5.58
C SER A 272 -30.84 -7.45 4.07
N GLY A 273 -29.63 -7.25 3.54
CA GLY A 273 -29.41 -7.52 2.13
C GLY A 273 -29.71 -8.97 1.77
N LEU A 274 -29.24 -9.90 2.58
CA LEU A 274 -29.47 -11.31 2.30
C LEU A 274 -30.95 -11.63 2.25
N LEU A 275 -31.71 -11.18 3.26
CA LEU A 275 -33.14 -11.46 3.29
C LEU A 275 -33.84 -10.83 2.09
N SER A 276 -33.39 -9.65 1.66
CA SER A 276 -33.99 -8.99 0.52
C SER A 276 -33.71 -9.75 -0.77
N PHE A 277 -32.45 -10.14 -0.99
CA PHE A 277 -32.13 -10.93 -2.18
C PHE A 277 -32.85 -12.25 -2.18
N ALA A 278 -32.94 -12.90 -1.02
CA ALA A 278 -33.60 -14.20 -0.93
C ALA A 278 -35.07 -14.09 -1.33
N LEU A 279 -35.77 -13.08 -0.81
CA LEU A 279 -37.17 -12.91 -1.18
C LEU A 279 -37.31 -12.53 -2.65
N TYR A 280 -36.37 -11.75 -3.18
CA TYR A 280 -36.38 -11.46 -4.61
C TYR A 280 -36.34 -12.74 -5.43
N PHE A 281 -35.35 -13.59 -5.16
CA PHE A 281 -35.21 -14.81 -5.95
C PHE A 281 -36.39 -15.75 -5.77
N LEU A 282 -37.00 -15.74 -4.58
CA LEU A 282 -38.15 -16.60 -4.34
C LEU A 282 -39.34 -16.17 -5.20
N VAL A 283 -39.65 -14.88 -5.24
CA VAL A 283 -40.81 -14.44 -6.03
C VAL A 283 -40.54 -14.57 -7.53
N LYS A 284 -39.28 -14.64 -7.94
CA LYS A 284 -38.93 -14.85 -9.34
C LYS A 284 -38.82 -16.33 -9.71
N ASN A 285 -38.89 -17.24 -8.74
CA ASN A 285 -38.77 -18.68 -9.00
C ASN A 285 -39.90 -19.37 -8.25
N PRO A 286 -41.11 -19.37 -8.82
CA PRO A 286 -42.29 -19.84 -8.07
C PRO A 286 -42.18 -21.27 -7.56
N HIS A 287 -41.58 -22.18 -8.33
CA HIS A 287 -41.47 -23.55 -7.86
C HIS A 287 -40.55 -23.65 -6.66
N VAL A 288 -39.48 -22.85 -6.64
CA VAL A 288 -38.60 -22.83 -5.48
C VAL A 288 -39.34 -22.24 -4.28
N LEU A 289 -40.13 -21.20 -4.51
CA LEU A 289 -40.94 -20.62 -3.45
C LEU A 289 -41.90 -21.65 -2.86
N GLN A 290 -42.56 -22.44 -3.71
CA GLN A 290 -43.48 -23.45 -3.22
C GLN A 290 -42.74 -24.47 -2.33
N LYS A 291 -41.58 -24.93 -2.78
CA LYS A 291 -40.84 -25.91 -2.01
C LYS A 291 -40.42 -25.34 -0.66
N ALA A 292 -39.91 -24.11 -0.64
CA ALA A 292 -39.53 -23.48 0.62
C ALA A 292 -40.75 -23.29 1.52
N ALA A 293 -41.88 -22.86 0.94
CA ALA A 293 -43.08 -22.66 1.73
C ALA A 293 -43.58 -23.98 2.29
N GLU A 294 -43.52 -25.05 1.49
CA GLU A 294 -43.94 -26.36 1.97
C GLU A 294 -43.09 -26.80 3.15
N GLU A 295 -41.79 -26.55 3.11
CA GLU A 295 -40.94 -26.90 4.25
C GLU A 295 -41.31 -26.08 5.48
N ALA A 296 -41.51 -24.78 5.30
CA ALA A 296 -41.86 -23.93 6.44
C ALA A 296 -43.13 -24.42 7.12
N ALA A 297 -44.15 -24.73 6.32
CA ALA A 297 -45.42 -25.22 6.90
C ALA A 297 -45.21 -26.56 7.59
N ARG A 298 -44.39 -27.43 7.00
CA ARG A 298 -44.16 -28.75 7.56
C ARG A 298 -43.41 -28.69 8.88
N VAL A 299 -42.44 -27.79 8.99
CA VAL A 299 -41.52 -27.77 10.12
C VAL A 299 -42.02 -26.87 11.25
N LEU A 300 -42.57 -25.71 10.92
CA LEU A 300 -42.95 -24.72 11.92
C LEU A 300 -44.40 -24.98 12.34
N VAL A 301 -44.57 -26.03 13.16
CA VAL A 301 -45.91 -26.48 13.53
C VAL A 301 -46.44 -25.81 14.79
N ASP A 302 -45.63 -25.00 15.48
CA ASP A 302 -46.03 -24.36 16.72
C ASP A 302 -46.33 -22.87 16.48
N PRO A 303 -46.95 -22.20 17.46
CA PRO A 303 -47.28 -20.78 17.26
C PRO A 303 -46.07 -19.89 17.00
N VAL A 304 -44.90 -20.20 17.56
CA VAL A 304 -43.66 -19.53 17.18
C VAL A 304 -42.56 -20.58 17.05
N PRO A 305 -41.53 -20.28 16.26
CA PRO A 305 -40.48 -21.29 16.03
C PRO A 305 -39.58 -21.46 17.24
N SER A 306 -39.21 -22.71 17.49
CA SER A 306 -38.16 -23.03 18.44
C SER A 306 -36.80 -23.01 17.76
N TYR A 307 -35.75 -22.96 18.56
CA TYR A 307 -34.40 -23.00 18.03
C TYR A 307 -34.18 -24.26 17.19
N LYS A 308 -34.58 -25.42 17.71
CA LYS A 308 -34.37 -26.67 17.01
C LYS A 308 -35.09 -26.69 15.66
N GLN A 309 -36.30 -26.13 15.61
CA GLN A 309 -37.07 -26.15 14.37
C GLN A 309 -36.38 -25.33 13.29
N VAL A 310 -35.79 -24.19 13.64
CA VAL A 310 -35.06 -23.39 12.67
C VAL A 310 -33.96 -24.24 12.03
N LYS A 311 -33.30 -25.08 12.83
CA LYS A 311 -32.25 -25.94 12.29
C LYS A 311 -32.81 -26.97 11.31
N GLN A 312 -34.09 -27.32 11.46
N GLN A 312 -34.08 -27.32 11.43
CA GLN A 312 -34.76 -28.26 10.58
CA GLN A 312 -34.67 -28.29 10.52
C GLN A 312 -35.12 -27.67 9.22
C GLN A 312 -35.19 -27.66 9.24
N LEU A 313 -34.98 -26.35 9.05
CA LEU A 313 -35.37 -25.69 7.81
C LEU A 313 -34.22 -25.77 6.80
N LYS A 314 -33.98 -27.00 6.33
CA LYS A 314 -32.83 -27.27 5.48
C LYS A 314 -32.92 -26.50 4.17
N TYR A 315 -34.07 -26.58 3.49
CA TYR A 315 -34.18 -25.97 2.17
C TYR A 315 -34.16 -24.45 2.24
N VAL A 316 -34.78 -23.88 3.28
CA VAL A 316 -34.65 -22.44 3.49
C VAL A 316 -33.18 -22.05 3.59
N GLY A 317 -32.39 -22.87 4.29
CA GLY A 317 -30.96 -22.61 4.38
C GLY A 317 -30.27 -22.68 3.03
N MET A 318 -30.71 -23.60 2.17
CA MET A 318 -30.17 -23.67 0.81
C MET A 318 -30.55 -22.44 0.01
N VAL A 319 -31.78 -21.96 0.16
CA VAL A 319 -32.20 -20.74 -0.50
C VAL A 319 -31.28 -19.58 -0.11
N LEU A 320 -31.00 -19.45 1.20
CA LEU A 320 -30.18 -18.35 1.66
C LEU A 320 -28.74 -18.46 1.15
N ASN A 321 -28.17 -19.66 1.16
CA ASN A 321 -26.82 -19.84 0.65
C ASN A 321 -26.76 -19.53 -0.84
N GLU A 322 -27.79 -19.95 -1.60
CA GLU A 322 -27.81 -19.66 -3.03
C GLU A 322 -27.99 -18.17 -3.30
N ALA A 323 -28.72 -17.46 -2.44
CA ALA A 323 -28.79 -16.01 -2.55
C ALA A 323 -27.43 -15.38 -2.28
N LEU A 324 -26.70 -15.90 -1.28
CA LEU A 324 -25.36 -15.41 -0.99
C LEU A 324 -24.38 -15.76 -2.10
N ARG A 325 -24.60 -16.88 -2.80
CA ARG A 325 -23.71 -17.22 -3.90
C ARG A 325 -23.80 -16.16 -4.99
N LEU A 326 -25.00 -15.84 -5.43
CA LEU A 326 -25.17 -14.92 -6.55
C LEU A 326 -24.85 -13.48 -6.14
N TRP A 327 -25.31 -13.05 -4.97
CA TRP A 327 -25.13 -11.68 -4.52
C TRP A 327 -24.66 -11.67 -3.06
N PRO A 328 -23.41 -12.03 -2.81
CA PRO A 328 -22.85 -11.89 -1.46
C PRO A 328 -22.89 -10.42 -1.04
N THR A 329 -23.60 -10.15 0.05
CA THR A 329 -23.93 -8.78 0.38
C THR A 329 -22.75 -7.99 0.95
N ALA A 330 -21.70 -8.68 1.39
CA ALA A 330 -20.39 -8.07 1.61
C ALA A 330 -19.52 -8.58 0.47
N PRO A 331 -19.46 -7.88 -0.67
CA PRO A 331 -19.01 -8.49 -1.92
C PRO A 331 -17.51 -8.60 -2.10
N ALA A 332 -16.71 -8.10 -1.16
CA ALA A 332 -15.26 -8.14 -1.34
C ALA A 332 -14.56 -8.14 0.01
N PHE A 333 -13.41 -8.81 0.06
CA PHE A 333 -12.47 -8.64 1.15
C PHE A 333 -11.06 -8.62 0.58
N SER A 334 -10.15 -8.03 1.34
CA SER A 334 -8.83 -7.65 0.85
C SER A 334 -7.75 -8.37 1.63
N LEU A 335 -6.67 -8.73 0.92
CA LEU A 335 -5.52 -9.40 1.50
C LEU A 335 -4.25 -8.71 1.02
N TYR A 336 -3.16 -8.90 1.77
CA TYR A 336 -1.87 -8.38 1.36
C TYR A 336 -0.81 -9.46 1.51
N ALA A 337 0.18 -9.42 0.63
CA ALA A 337 1.28 -10.38 0.64
C ALA A 337 2.18 -10.11 1.84
N LYS A 338 2.35 -11.12 2.69
CA LYS A 338 3.22 -10.98 3.85
C LYS A 338 4.68 -10.79 3.44
N GLU A 339 5.09 -11.40 2.33
CA GLU A 339 6.43 -11.25 1.79
C GLU A 339 6.35 -11.31 0.27
N ASP A 340 7.47 -11.02 -0.38
CA ASP A 340 7.57 -11.26 -1.81
C ASP A 340 7.21 -12.71 -2.11
N THR A 341 6.37 -12.91 -3.13
CA THR A 341 5.91 -14.25 -3.45
C THR A 341 5.34 -14.25 -4.85
N VAL A 342 5.10 -15.46 -5.36
CA VAL A 342 4.50 -15.67 -6.67
C VAL A 342 3.11 -16.26 -6.47
N LEU A 343 2.13 -15.70 -7.17
CA LEU A 343 0.74 -16.14 -7.07
C LEU A 343 0.39 -16.99 -8.29
N GLY A 344 -0.18 -18.16 -8.06
CA GLY A 344 -0.59 -19.02 -9.15
C GLY A 344 0.53 -19.44 -10.07
N GLY A 345 1.77 -19.40 -9.59
CA GLY A 345 2.92 -19.76 -10.41
C GLY A 345 3.12 -18.84 -11.60
N GLU A 346 2.44 -17.68 -11.60
CA GLU A 346 2.44 -16.82 -12.78
C GLU A 346 2.64 -15.36 -12.46
N TYR A 347 2.15 -14.89 -11.31
CA TYR A 347 2.07 -13.46 -11.03
C TYR A 347 2.96 -13.09 -9.86
N PRO A 348 4.11 -12.45 -10.09
CA PRO A 348 4.95 -12.05 -8.96
C PRO A 348 4.32 -10.90 -8.18
N LEU A 349 4.40 -11.01 -6.86
CA LEU A 349 3.90 -9.98 -5.96
C LEU A 349 5.02 -9.54 -5.02
N GLU A 350 4.99 -8.27 -4.65
CA GLU A 350 5.91 -7.74 -3.65
C GLU A 350 5.21 -7.67 -2.31
N LYS A 351 6.01 -7.74 -1.25
CA LYS A 351 5.50 -7.56 0.10
C LYS A 351 4.53 -6.39 0.16
N GLY A 352 3.35 -6.62 0.72
CA GLY A 352 2.35 -5.58 0.87
C GLY A 352 1.40 -5.42 -0.29
N ASP A 353 1.65 -6.08 -1.42
CA ASP A 353 0.74 -5.95 -2.55
C ASP A 353 -0.66 -6.41 -2.16
N GLU A 354 -1.66 -5.66 -2.62
CA GLU A 354 -3.05 -5.92 -2.23
C GLU A 354 -3.71 -6.85 -3.23
N LEU A 355 -4.42 -7.85 -2.71
CA LEU A 355 -5.29 -8.70 -3.48
C LEU A 355 -6.71 -8.50 -2.98
N MET A 356 -7.63 -8.16 -3.88
CA MET A 356 -9.03 -7.96 -3.54
C MET A 356 -9.83 -9.13 -4.12
N VAL A 357 -10.52 -9.85 -3.24
CA VAL A 357 -11.36 -10.97 -3.66
C VAL A 357 -12.71 -10.42 -4.10
N LEU A 358 -13.07 -10.66 -5.36
CA LEU A 358 -14.39 -10.29 -5.88
C LEU A 358 -15.30 -11.49 -5.66
N ILE A 359 -16.00 -11.51 -4.53
CA ILE A 359 -16.80 -12.69 -4.17
C ILE A 359 -17.83 -13.01 -5.24
N PRO A 360 -18.56 -12.04 -5.81
CA PRO A 360 -19.55 -12.41 -6.84
C PRO A 360 -18.92 -13.15 -8.02
N GLN A 361 -17.68 -12.83 -8.36
CA GLN A 361 -17.01 -13.52 -9.46
C GLN A 361 -16.55 -14.91 -9.05
N LEU A 362 -15.96 -15.03 -7.86
CA LEU A 362 -15.64 -16.36 -7.32
C LEU A 362 -16.85 -17.27 -7.42
N HIS A 363 -18.01 -16.77 -7.03
CA HIS A 363 -19.24 -17.55 -7.00
C HIS A 363 -19.82 -17.79 -8.39
N ARG A 364 -19.20 -17.25 -9.44
CA ARG A 364 -19.62 -17.51 -10.82
C ARG A 364 -18.52 -18.22 -11.61
N ASP A 365 -17.53 -18.80 -10.92
CA ASP A 365 -16.46 -19.54 -11.57
C ASP A 365 -17.03 -20.85 -12.13
N LYS A 366 -17.13 -20.94 -13.46
CA LYS A 366 -17.80 -22.08 -14.07
C LYS A 366 -17.02 -23.37 -13.93
N THR A 367 -15.69 -23.30 -13.82
CA THR A 367 -14.90 -24.51 -13.59
C THR A 367 -15.25 -25.16 -12.26
N ILE A 368 -15.88 -24.40 -11.36
CA ILE A 368 -16.26 -24.90 -10.04
C ILE A 368 -17.73 -25.26 -9.99
N TRP A 369 -18.58 -24.35 -10.46
CA TRP A 369 -20.02 -24.43 -10.23
C TRP A 369 -20.79 -24.99 -11.42
N GLY A 370 -20.13 -25.22 -12.56
CA GLY A 370 -20.84 -25.59 -13.77
C GLY A 370 -21.21 -24.36 -14.58
N ASP A 371 -21.85 -24.61 -15.71
CA ASP A 371 -22.16 -23.54 -16.64
C ASP A 371 -23.35 -22.69 -16.18
N ASP A 372 -24.26 -23.24 -15.39
CA ASP A 372 -25.49 -22.55 -15.00
C ASP A 372 -25.31 -21.62 -13.81
N VAL A 373 -24.20 -20.89 -13.74
CA VAL A 373 -23.91 -20.08 -12.56
C VAL A 373 -24.90 -18.94 -12.37
N GLU A 374 -25.58 -18.50 -13.42
CA GLU A 374 -26.53 -17.40 -13.28
C GLU A 374 -27.90 -17.86 -12.81
N GLU A 375 -28.18 -19.16 -12.84
CA GLU A 375 -29.47 -19.67 -12.39
C GLU A 375 -29.53 -19.69 -10.86
N PHE A 376 -30.71 -19.38 -10.33
CA PHE A 376 -30.97 -19.52 -8.91
C PHE A 376 -31.45 -20.95 -8.68
N ARG A 377 -30.57 -21.80 -8.14
CA ARG A 377 -30.85 -23.22 -7.96
C ARG A 377 -30.37 -23.64 -6.58
N PRO A 378 -31.21 -23.49 -5.55
CA PRO A 378 -30.78 -23.88 -4.20
C PRO A 378 -30.34 -25.34 -4.11
N GLU A 379 -30.88 -26.19 -4.99
CA GLU A 379 -30.52 -27.60 -4.96
C GLU A 379 -29.03 -27.81 -5.22
N ARG A 380 -28.32 -26.79 -5.72
CA ARG A 380 -26.86 -26.79 -5.72
C ARG A 380 -26.29 -27.34 -4.42
N PHE A 381 -26.98 -27.07 -3.30
CA PHE A 381 -26.48 -27.38 -1.98
C PHE A 381 -27.16 -28.60 -1.35
N GLU A 382 -28.01 -29.31 -2.09
CA GLU A 382 -28.75 -30.42 -1.49
C GLU A 382 -27.93 -31.71 -1.46
N ASN A 383 -27.02 -31.92 -2.41
CA ASN A 383 -26.23 -33.15 -2.46
C ASN A 383 -24.79 -32.86 -2.06
N PRO A 384 -24.38 -33.16 -0.82
CA PRO A 384 -23.05 -32.74 -0.35
C PRO A 384 -21.92 -33.05 -1.32
N SER A 385 -21.92 -34.25 -1.92
CA SER A 385 -20.82 -34.63 -2.81
C SER A 385 -20.65 -33.65 -3.96
N ALA A 386 -21.73 -33.02 -4.40
CA ALA A 386 -21.70 -32.15 -5.56
C ALA A 386 -21.39 -30.69 -5.24
N ILE A 387 -21.14 -30.34 -3.98
CA ILE A 387 -20.83 -28.95 -3.65
C ILE A 387 -19.31 -28.79 -3.67
N PRO A 388 -18.78 -27.76 -4.33
CA PRO A 388 -17.31 -27.64 -4.45
C PRO A 388 -16.57 -27.44 -3.15
N GLN A 389 -15.29 -27.30 -3.28
CA GLN A 389 -14.41 -27.20 -2.13
C GLN A 389 -14.39 -25.74 -1.55
N HIS A 390 -13.28 -25.04 -1.59
CA HIS A 390 -13.17 -23.72 -0.96
C HIS A 390 -13.58 -22.62 -1.92
N ALA A 391 -14.78 -22.79 -2.47
CA ALA A 391 -15.30 -21.98 -3.55
C ALA A 391 -16.37 -20.99 -3.12
N PHE A 392 -16.82 -21.06 -1.87
CA PHE A 392 -17.99 -20.34 -1.39
C PHE A 392 -17.55 -19.55 -0.17
N LYS A 393 -17.40 -18.23 -0.33
CA LYS A 393 -16.75 -17.40 0.69
C LYS A 393 -17.54 -16.11 0.99
N PRO A 394 -18.86 -16.21 1.18
CA PRO A 394 -19.62 -15.00 1.54
C PRO A 394 -19.28 -14.44 2.91
N PHE A 395 -18.57 -15.20 3.76
CA PHE A 395 -18.27 -14.78 5.12
C PHE A 395 -16.77 -14.58 5.36
N GLY A 396 -15.98 -14.43 4.29
CA GLY A 396 -14.57 -14.13 4.44
C GLY A 396 -13.73 -15.38 4.60
N ASN A 397 -12.57 -15.20 5.24
CA ASN A 397 -11.56 -16.24 5.28
C ASN A 397 -10.81 -16.25 6.60
N GLY A 398 -10.51 -17.46 7.09
CA GLY A 398 -9.51 -17.65 8.13
C GLY A 398 -9.91 -17.02 9.45
N GLN A 399 -8.89 -16.61 10.21
CA GLN A 399 -9.15 -16.05 11.53
C GLN A 399 -9.81 -14.68 11.46
N ARG A 400 -9.87 -14.06 10.28
CA ARG A 400 -10.61 -12.82 10.07
C ARG A 400 -11.95 -13.06 9.38
N ALA A 401 -12.45 -14.30 9.40
CA ALA A 401 -13.76 -14.58 8.86
C ALA A 401 -14.85 -13.99 9.74
N CYS A 402 -16.07 -13.97 9.22
CA CYS A 402 -17.20 -13.38 9.91
C CYS A 402 -17.41 -14.06 11.26
N ILE A 403 -17.39 -13.26 12.33
CA ILE A 403 -17.67 -13.80 13.66
C ILE A 403 -19.16 -14.05 13.88
N GLY A 404 -20.03 -13.42 13.08
CA GLY A 404 -21.46 -13.53 13.30
C GLY A 404 -22.18 -14.35 12.25
N GLN A 405 -21.46 -15.23 11.57
CA GLN A 405 -22.05 -15.99 10.47
C GLN A 405 -23.27 -16.78 10.93
N GLN A 406 -23.17 -17.50 12.05
CA GLN A 406 -24.29 -18.31 12.50
C GLN A 406 -25.39 -17.44 13.10
N PHE A 407 -25.02 -16.30 13.69
CA PHE A 407 -26.03 -15.33 14.09
C PHE A 407 -26.86 -14.88 12.88
N ALA A 408 -26.17 -14.50 11.81
CA ALA A 408 -26.86 -14.02 10.61
C ALA A 408 -27.77 -15.10 10.04
N LEU A 409 -27.24 -16.32 9.87
CA LEU A 409 -27.99 -17.35 9.17
C LEU A 409 -29.16 -17.86 9.99
N HIS A 410 -28.98 -17.94 11.32
CA HIS A 410 -30.09 -18.33 12.17
C HIS A 410 -31.20 -17.29 12.12
N GLU A 411 -30.83 -16.01 12.23
CA GLU A 411 -31.82 -14.94 12.11
C GLU A 411 -32.53 -15.01 10.77
N ALA A 412 -31.76 -15.13 9.68
CA ALA A 412 -32.36 -15.12 8.35
C ALA A 412 -33.24 -16.34 8.12
N THR A 413 -32.79 -17.51 8.56
CA THR A 413 -33.59 -18.72 8.39
C THR A 413 -34.87 -18.66 9.21
N LEU A 414 -34.77 -18.19 10.46
CA LEU A 414 -35.96 -18.02 11.28
C LEU A 414 -36.99 -17.12 10.60
N VAL A 415 -36.55 -15.94 10.18
CA VAL A 415 -37.47 -14.93 9.67
C VAL A 415 -38.05 -15.37 8.33
N LEU A 416 -37.20 -15.87 7.43
CA LEU A 416 -37.69 -16.31 6.13
C LEU A 416 -38.68 -17.46 6.29
N GLY A 417 -38.40 -18.37 7.22
CA GLY A 417 -39.35 -19.44 7.49
C GLY A 417 -40.70 -18.93 7.98
N MET A 418 -40.68 -17.97 8.90
CA MET A 418 -41.93 -17.39 9.38
C MET A 418 -42.65 -16.64 8.26
N MET A 419 -41.91 -15.88 7.45
CA MET A 419 -42.52 -15.20 6.32
C MET A 419 -43.22 -16.18 5.40
N LEU A 420 -42.54 -17.29 5.07
CA LEU A 420 -43.11 -18.27 4.16
C LEU A 420 -44.26 -19.03 4.78
N LYS A 421 -44.25 -19.20 6.09
CA LYS A 421 -45.37 -19.89 6.75
C LYS A 421 -46.64 -19.03 6.72
N HIS A 422 -46.50 -17.71 6.84
CA HIS A 422 -47.63 -16.85 7.14
C HIS A 422 -48.20 -16.11 5.93
N PHE A 423 -47.46 -16.00 4.86
CA PHE A 423 -47.95 -15.27 3.70
C PHE A 423 -47.70 -15.90 2.33
N ASP A 424 -48.56 -15.54 1.43
CA ASP A 424 -48.28 -15.69 0.00
C ASP A 424 -47.78 -14.36 -0.53
N PHE A 425 -46.74 -14.41 -1.37
CA PHE A 425 -46.07 -13.21 -1.84
C PHE A 425 -46.35 -13.00 -3.33
N GLU A 426 -46.63 -11.75 -3.69
CA GLU A 426 -46.93 -11.38 -5.07
C GLU A 426 -45.93 -10.33 -5.54
N ASP A 427 -45.27 -10.60 -6.66
CA ASP A 427 -44.39 -9.65 -7.32
C ASP A 427 -45.25 -8.76 -8.22
N HIS A 428 -46.03 -7.89 -7.56
CA HIS A 428 -47.12 -7.19 -8.24
C HIS A 428 -46.64 -6.13 -9.24
N THR A 429 -45.37 -5.72 -9.17
CA THR A 429 -44.83 -4.76 -10.13
C THR A 429 -43.95 -5.41 -11.18
N ASN A 430 -43.75 -6.73 -11.12
CA ASN A 430 -42.76 -7.40 -11.96
C ASN A 430 -41.41 -6.68 -11.83
N TYR A 431 -40.97 -6.57 -10.58
CA TYR A 431 -39.81 -5.76 -10.24
C TYR A 431 -38.56 -6.21 -10.99
N GLU A 432 -37.83 -5.23 -11.53
CA GLU A 432 -36.55 -5.49 -12.19
C GLU A 432 -35.41 -5.24 -11.20
N LEU A 433 -34.55 -6.23 -11.05
CA LEU A 433 -33.52 -6.18 -10.02
C LEU A 433 -32.65 -4.95 -10.18
N ASP A 434 -32.55 -4.16 -9.12
CA ASP A 434 -31.73 -2.95 -9.07
C ASP A 434 -30.93 -3.01 -7.77
N ILE A 435 -29.62 -3.22 -7.89
CA ILE A 435 -28.76 -3.46 -6.75
C ILE A 435 -28.09 -2.16 -6.36
N LYS A 436 -28.47 -1.62 -5.21
CA LYS A 436 -27.83 -0.44 -4.64
C LYS A 436 -26.54 -0.84 -3.96
N GLU A 437 -25.50 -0.01 -4.13
CA GLU A 437 -24.21 -0.27 -3.53
C GLU A 437 -23.92 0.79 -2.48
N THR A 438 -23.62 0.35 -1.29
CA THR A 438 -23.15 1.19 -0.17
C THR A 438 -21.94 0.45 0.46
N LEU A 439 -20.98 0.13 -0.41
CA LEU A 439 -19.97 -0.89 -0.15
C LEU A 439 -20.64 -2.26 -0.14
N THR A 440 -21.62 -2.45 0.75
CA THR A 440 -22.46 -3.64 0.73
C THR A 440 -23.48 -3.55 -0.40
N LEU A 441 -24.14 -4.67 -0.68
CA LEU A 441 -25.10 -4.80 -1.77
C LEU A 441 -26.49 -5.08 -1.23
N LYS A 442 -27.50 -4.51 -1.89
CA LYS A 442 -28.88 -4.72 -1.48
C LYS A 442 -29.83 -4.26 -2.58
N PRO A 443 -30.92 -5.00 -2.84
CA PRO A 443 -31.90 -4.50 -3.82
C PRO A 443 -32.50 -3.17 -3.35
N GLU A 444 -32.76 -2.29 -4.31
CA GLU A 444 -33.48 -1.05 -4.04
C GLU A 444 -34.74 -1.00 -4.89
N GLY A 445 -35.79 -0.40 -4.32
CA GLY A 445 -37.06 -0.34 -4.99
C GLY A 445 -37.83 -1.64 -5.02
N PHE A 446 -37.34 -2.67 -4.34
CA PHE A 446 -38.01 -3.97 -4.32
C PHE A 446 -39.26 -3.90 -3.46
N VAL A 447 -40.43 -4.07 -4.08
CA VAL A 447 -41.70 -4.07 -3.37
C VAL A 447 -42.47 -5.33 -3.71
N VAL A 448 -43.27 -5.80 -2.75
CA VAL A 448 -44.14 -6.95 -2.93
C VAL A 448 -45.45 -6.69 -2.21
N LYS A 449 -46.44 -7.53 -2.50
CA LYS A 449 -47.66 -7.63 -1.71
C LYS A 449 -47.69 -8.98 -1.03
N ALA A 450 -48.12 -9.00 0.22
CA ALA A 450 -48.13 -10.21 1.04
C ALA A 450 -49.56 -10.47 1.49
N LYS A 451 -50.13 -11.58 1.02
CA LYS A 451 -51.48 -11.98 1.37
C LYS A 451 -51.40 -12.97 2.54
N SER A 452 -52.00 -12.61 3.67
CA SER A 452 -51.92 -13.45 4.85
C SER A 452 -52.60 -14.79 4.60
N LYS A 453 -51.99 -15.85 5.11
CA LYS A 453 -52.62 -17.17 5.19
C LYS A 453 -53.45 -17.33 6.45
N LYS A 454 -53.49 -16.32 7.32
CA LYS A 454 -54.37 -16.30 8.48
C LYS A 454 -54.05 -17.42 9.47
N ILE A 455 -52.77 -17.61 9.73
CA ILE A 455 -52.30 -18.61 10.70
C ILE A 455 -51.93 -17.87 11.98
N PRO A 456 -52.61 -18.13 13.10
CA PRO A 456 -52.35 -17.35 14.31
C PRO A 456 -50.89 -17.43 14.76
N LEU A 457 -50.50 -16.42 15.53
CA LEU A 457 -49.13 -16.22 15.94
C LEU A 457 -49.01 -16.33 17.46
N ILE B 4 1.63 27.19 16.60
CA ILE B 4 0.64 27.99 15.89
C ILE B 4 -0.26 27.02 15.08
N LYS B 5 0.34 26.01 14.51
CA LYS B 5 -0.40 25.14 13.62
C LYS B 5 -0.14 23.67 13.94
N GLU B 6 -1.20 22.87 13.90
CA GLU B 6 -1.07 21.43 14.11
C GLU B 6 -0.49 20.76 12.87
N MET B 7 0.38 19.77 13.09
CA MET B 7 1.08 19.17 11.96
C MET B 7 0.24 18.03 11.37
N PRO B 8 0.03 18.00 10.06
CA PRO B 8 -0.68 16.87 9.46
C PRO B 8 0.04 15.56 9.74
N GLN B 9 -0.75 14.48 9.80
CA GLN B 9 -0.20 13.16 10.08
C GLN B 9 -1.14 12.13 9.48
N PRO B 10 -0.64 11.10 8.80
CA PRO B 10 -1.52 10.03 8.33
C PRO B 10 -2.09 9.26 9.53
N LYS B 11 -3.13 8.48 9.25
CA LYS B 11 -3.86 7.83 10.33
C LYS B 11 -2.97 6.80 11.02
N THR B 12 -3.14 6.69 12.33
CA THR B 12 -2.38 5.76 13.16
C THR B 12 -3.25 4.55 13.51
N PHE B 13 -2.58 3.47 13.90
CA PHE B 13 -3.27 2.21 14.22
C PHE B 13 -2.77 1.71 15.58
N GLY B 14 -3.25 2.38 16.63
CA GLY B 14 -2.88 1.99 17.97
C GLY B 14 -1.38 2.00 18.16
N GLU B 15 -0.87 0.94 18.80
CA GLU B 15 0.56 0.86 19.08
C GLU B 15 1.41 0.68 17.83
N LEU B 16 0.81 0.34 16.69
CA LEU B 16 1.54 0.24 15.44
C LEU B 16 1.85 1.60 14.83
N LYS B 17 1.21 2.67 15.31
CA LYS B 17 1.44 4.04 14.86
C LYS B 17 1.18 4.07 13.35
N ASN B 18 2.03 4.69 12.53
CA ASN B 18 1.87 4.78 11.09
C ASN B 18 2.53 3.64 10.34
N LEU B 19 3.16 2.71 11.05
CA LEU B 19 3.97 1.69 10.37
C LEU B 19 3.18 0.87 9.36
N PRO B 20 1.92 0.50 9.61
CA PRO B 20 1.18 -0.27 8.59
C PRO B 20 1.06 0.44 7.26
N LEU B 21 1.28 1.76 7.20
CA LEU B 21 1.26 2.46 5.92
C LEU B 21 2.55 2.32 5.15
N LEU B 22 3.60 1.76 5.77
CA LEU B 22 4.82 1.37 5.08
C LEU B 22 4.91 -0.15 5.14
N ASN B 23 4.21 -0.80 4.21
CA ASN B 23 4.23 -2.25 4.06
C ASN B 23 4.51 -2.48 2.58
N THR B 24 5.78 -2.44 2.21
CA THR B 24 6.14 -2.29 0.80
C THR B 24 7.63 -2.50 0.63
N ASP B 25 8.01 -2.90 -0.58
CA ASP B 25 9.41 -2.88 -1.00
C ASP B 25 9.82 -1.52 -1.55
N LYS B 26 8.88 -0.57 -1.66
CA LYS B 26 9.14 0.73 -2.27
C LYS B 26 8.70 1.83 -1.30
N PRO B 27 9.42 1.98 -0.18
CA PRO B 27 8.95 2.93 0.85
C PRO B 27 8.99 4.38 0.42
N VAL B 28 10.05 4.83 -0.26
CA VAL B 28 10.11 6.23 -0.67
C VAL B 28 8.94 6.57 -1.57
N GLN B 29 8.64 5.70 -2.53
CA GLN B 29 7.51 5.94 -3.43
C GLN B 29 6.19 5.91 -2.67
N ALA B 30 6.10 5.10 -1.60
CA ALA B 30 4.91 5.14 -0.76
C ALA B 30 4.81 6.47 -0.01
N LEU B 31 5.94 6.97 0.52
CA LEU B 31 5.93 8.24 1.23
C LEU B 31 5.59 9.40 0.29
N MET B 32 6.01 9.31 -0.97
CA MET B 32 5.63 10.33 -1.94
C MET B 32 4.11 10.40 -2.11
N LYS B 33 3.44 9.24 -2.13
CA LYS B 33 1.98 9.24 -2.22
C LYS B 33 1.35 9.87 -0.98
N ILE B 34 1.88 9.59 0.20
CA ILE B 34 1.39 10.24 1.41
C ILE B 34 1.61 11.75 1.32
N ALA B 35 2.78 12.16 0.84
CA ALA B 35 3.07 13.60 0.71
C ALA B 35 2.08 14.27 -0.24
N ASP B 36 1.73 13.59 -1.34
CA ASP B 36 0.74 14.14 -2.25
C ASP B 36 -0.62 14.31 -1.58
N GLU B 37 -0.94 13.44 -0.63
CA GLU B 37 -2.23 13.53 0.06
C GLU B 37 -2.22 14.61 1.14
N LEU B 38 -1.13 14.75 1.88
CA LEU B 38 -1.10 15.60 3.05
C LEU B 38 -0.36 16.92 2.86
N GLY B 39 0.45 17.05 1.82
CA GLY B 39 1.07 18.32 1.52
C GLY B 39 2.52 18.45 1.93
N GLU B 40 2.94 19.68 2.25
CA GLU B 40 4.35 20.01 2.35
C GLU B 40 5.03 19.42 3.57
N ILE B 41 4.28 19.00 4.58
CA ILE B 41 4.87 18.42 5.78
C ILE B 41 3.88 17.47 6.42
N PHE B 42 4.37 16.31 6.86
CA PHE B 42 3.56 15.43 7.69
C PHE B 42 4.46 14.69 8.67
N LYS B 43 3.95 14.50 9.88
CA LYS B 43 4.62 13.70 10.89
C LYS B 43 4.38 12.22 10.60
N PHE B 44 5.40 11.40 10.88
CA PHE B 44 5.30 9.97 10.66
C PHE B 44 5.91 9.25 11.85
N GLU B 45 5.13 8.42 12.52
CA GLU B 45 5.56 7.70 13.70
C GLU B 45 5.63 6.21 13.42
N ALA B 46 6.76 5.60 13.75
CA ALA B 46 6.89 4.17 13.94
C ALA B 46 7.10 3.90 15.43
N PRO B 47 6.94 2.66 15.86
CA PRO B 47 7.15 2.36 17.30
C PRO B 47 8.45 2.94 17.85
N GLY B 48 9.52 2.89 17.13
CA GLY B 48 10.65 3.46 17.80
C GLY B 48 10.93 4.96 17.62
N ARG B 49 10.35 5.58 16.59
CA ARG B 49 10.84 6.90 16.24
C ARG B 49 9.72 7.80 15.75
N VAL B 50 10.09 9.07 15.54
CA VAL B 50 9.21 10.09 14.98
C VAL B 50 10.00 10.85 13.93
N THR B 51 9.41 11.02 12.75
CA THR B 51 10.02 11.75 11.65
C THR B 51 9.02 12.73 11.08
N ARG B 52 9.52 13.86 10.58
CA ARG B 52 8.71 14.86 9.89
C ARG B 52 9.22 14.98 8.47
N TYR B 53 8.40 14.56 7.51
CA TYR B 53 8.79 14.53 6.10
C TYR B 53 8.43 15.86 5.45
N LEU B 54 9.44 16.51 4.84
CA LEU B 54 9.26 17.78 4.16
C LEU B 54 9.25 17.59 2.65
N SER B 55 8.37 18.33 1.98
CA SER B 55 8.19 18.20 0.54
C SER B 55 8.22 19.52 -0.24
N SER B 56 8.12 20.67 0.43
CA SER B 56 8.05 21.95 -0.25
C SER B 56 9.38 22.69 -0.15
N GLN B 57 9.68 23.47 -1.19
CA GLN B 57 10.87 24.29 -1.17
C GLN B 57 10.84 25.30 -0.03
N ARG B 58 9.64 25.80 0.31
CA ARG B 58 9.50 26.76 1.41
C ARG B 58 10.09 26.20 2.70
N LEU B 59 9.70 24.98 3.08
CA LEU B 59 10.13 24.41 4.34
C LEU B 59 11.54 23.84 4.26
N ILE B 60 11.88 23.24 3.12
CA ILE B 60 13.20 22.63 2.97
C ILE B 60 14.28 23.72 2.94
N LYS B 61 13.96 24.86 2.33
CA LYS B 61 14.85 26.01 2.39
C LYS B 61 15.24 26.33 3.83
N GLU B 62 14.27 26.32 4.75
CA GLU B 62 14.58 26.56 6.16
C GLU B 62 15.35 25.40 6.77
N ALA B 63 14.95 24.17 6.44
CA ALA B 63 15.64 23.01 6.99
C ALA B 63 17.13 23.02 6.62
N CYS B 64 17.46 23.60 5.46
CA CYS B 64 18.84 23.65 5.00
C CYS B 64 19.64 24.78 5.63
N ASP B 65 19.08 25.49 6.59
CA ASP B 65 19.78 26.52 7.36
C ASP B 65 20.68 25.82 8.37
N GLU B 66 21.98 25.77 8.08
CA GLU B 66 22.92 25.04 8.93
C GLU B 66 23.05 25.63 10.33
N SER B 67 22.71 26.90 10.52
CA SER B 67 22.78 27.49 11.85
C SER B 67 21.71 26.92 12.78
N ARG B 68 20.65 26.35 12.22
CA ARG B 68 19.54 25.82 13.00
C ARG B 68 19.37 24.31 12.87
N PHE B 69 19.82 23.71 11.77
CA PHE B 69 19.66 22.29 11.53
C PHE B 69 20.97 21.68 11.03
N ASP B 70 21.30 20.52 11.57
CA ASP B 70 22.50 19.79 11.18
C ASP B 70 22.09 18.43 10.64
N LYS B 71 23.01 17.77 9.95
CA LYS B 71 22.73 16.46 9.41
C LYS B 71 22.37 15.48 10.52
N ASN B 72 21.32 14.72 10.30
CA ASN B 72 20.89 13.68 11.24
C ASN B 72 21.20 12.32 10.67
N LEU B 73 21.57 11.39 11.53
CA LEU B 73 21.66 9.98 11.16
C LEU B 73 20.27 9.39 11.32
N SER B 74 19.52 9.39 10.22
CA SER B 74 18.23 8.71 10.18
C SER B 74 18.39 7.27 10.61
N GLN B 75 17.28 6.59 10.92
N GLN B 75 17.28 6.58 10.93
CA GLN B 75 17.35 5.17 11.26
CA GLN B 75 17.38 5.17 11.27
C GLN B 75 17.99 4.39 10.12
C GLN B 75 17.98 4.38 10.12
N ALA B 76 17.73 4.80 8.88
CA ALA B 76 18.36 4.14 7.73
C ALA B 76 19.88 4.26 7.81
N LEU B 77 20.38 5.47 8.05
CA LEU B 77 21.83 5.65 8.18
C LEU B 77 22.39 4.89 9.38
N LYS B 78 21.63 4.82 10.47
CA LYS B 78 22.10 4.10 11.64
C LYS B 78 22.25 2.61 11.36
N PHE B 79 21.36 2.05 10.53
CA PHE B 79 21.52 0.65 10.13
C PHE B 79 22.69 0.48 9.18
N VAL B 80 22.82 1.39 8.22
CA VAL B 80 23.94 1.32 7.27
C VAL B 80 25.26 1.53 7.99
N ARG B 81 25.24 2.24 9.12
CA ARG B 81 26.46 2.45 9.90
C ARG B 81 27.08 1.13 10.36
N ASP B 82 26.30 0.05 10.37
CA ASP B 82 26.85 -1.25 10.75
C ASP B 82 27.98 -1.69 9.83
N PHE B 83 28.02 -1.19 8.58
CA PHE B 83 29.17 -1.44 7.72
C PHE B 83 29.85 -0.17 7.21
N PHE B 84 29.18 0.98 7.24
CA PHE B 84 29.84 2.24 6.89
C PHE B 84 30.59 2.85 8.07
N GLY B 85 30.32 2.39 9.29
CA GLY B 85 31.00 2.92 10.46
C GLY B 85 30.86 4.43 10.56
N ASP B 86 31.92 5.09 11.01
CA ASP B 86 31.97 6.55 11.04
C ASP B 86 32.70 7.11 9.83
N GLY B 87 32.49 6.49 8.67
CA GLY B 87 32.92 7.09 7.41
C GLY B 87 32.15 8.37 7.14
N LEU B 88 32.44 9.03 6.01
CA LEU B 88 31.91 10.37 5.79
C LEU B 88 30.39 10.39 5.72
N VAL B 89 29.77 9.33 5.20
CA VAL B 89 28.32 9.36 5.00
C VAL B 89 27.56 9.13 6.30
N THR B 90 28.13 8.38 7.24
CA THR B 90 27.39 7.93 8.42
C THR B 90 27.97 8.46 9.73
N SER B 91 28.78 9.51 9.68
CA SER B 91 29.30 10.16 10.87
C SER B 91 28.49 11.41 11.18
N TRP B 92 28.32 11.69 12.47
CA TRP B 92 27.77 12.97 12.88
C TRP B 92 28.78 14.08 12.58
N THR B 93 28.25 15.27 12.28
CA THR B 93 29.12 16.41 12.03
C THR B 93 30.06 16.68 13.20
N HIS B 94 29.61 16.39 14.43
CA HIS B 94 30.41 16.65 15.61
C HIS B 94 31.41 15.55 15.91
N GLU B 95 31.36 14.43 15.21
CA GLU B 95 32.33 13.36 15.42
C GLU B 95 33.67 13.75 14.82
N LYS B 96 34.74 13.49 15.58
CA LYS B 96 36.07 13.96 15.19
C LYS B 96 36.41 13.49 13.77
N ASN B 97 36.05 12.27 13.41
CA ASN B 97 36.46 11.72 12.14
C ASN B 97 35.73 12.32 10.95
N TRP B 98 34.65 13.08 11.15
CA TRP B 98 34.00 13.66 9.98
C TRP B 98 34.83 14.79 9.39
N LYS B 99 35.09 15.84 10.17
CA LYS B 99 35.87 16.96 9.66
C LYS B 99 37.27 16.52 9.27
N LYS B 100 37.87 15.62 10.05
CA LYS B 100 39.18 15.06 9.71
C LYS B 100 39.16 14.46 8.31
N ALA B 101 38.25 13.50 8.08
CA ALA B 101 38.21 12.81 6.80
C ALA B 101 37.82 13.76 5.68
N HIS B 102 36.90 14.69 5.95
CA HIS B 102 36.55 15.69 4.94
C HIS B 102 37.78 16.47 4.50
N ASN B 103 38.55 16.97 5.46
CA ASN B 103 39.74 17.75 5.12
C ASN B 103 40.78 16.89 4.40
N ILE B 104 40.96 15.65 4.84
CA ILE B 104 42.01 14.81 4.26
C ILE B 104 41.65 14.37 2.85
N LEU B 105 40.36 14.14 2.57
CA LEU B 105 39.95 13.56 1.31
C LEU B 105 39.44 14.57 0.29
N LEU B 106 39.09 15.77 0.72
CA LEU B 106 38.62 16.78 -0.23
C LEU B 106 39.61 17.03 -1.37
N PRO B 107 40.93 17.01 -1.15
CA PRO B 107 41.85 17.21 -2.29
C PRO B 107 41.67 16.19 -3.40
N SER B 108 41.19 14.98 -3.08
CA SER B 108 40.97 13.98 -4.10
C SER B 108 39.85 14.35 -5.06
N PHE B 109 39.15 15.46 -4.82
CA PHE B 109 38.09 15.93 -5.70
C PHE B 109 38.35 17.35 -6.19
N SER B 110 39.61 17.78 -6.16
CA SER B 110 40.00 19.04 -6.76
C SER B 110 39.87 18.95 -8.28
N GLN B 111 39.99 20.11 -8.94
CA GLN B 111 39.94 20.12 -10.39
C GLN B 111 41.13 19.39 -10.99
N GLN B 112 42.33 19.60 -10.44
CA GLN B 112 43.50 18.88 -10.92
C GLN B 112 43.33 17.38 -10.75
N ALA B 113 42.74 16.95 -9.64
CA ALA B 113 42.50 15.52 -9.44
C ALA B 113 41.49 14.99 -10.46
N MET B 114 40.42 15.73 -10.72
CA MET B 114 39.44 15.30 -11.71
C MET B 114 40.09 15.08 -13.07
N LYS B 115 40.95 16.03 -13.48
CA LYS B 115 41.64 15.87 -14.75
C LYS B 115 42.51 14.62 -14.76
N GLY B 116 43.11 14.29 -13.62
CA GLY B 116 43.92 13.09 -13.53
C GLY B 116 43.11 11.81 -13.60
N TYR B 117 41.84 11.86 -13.19
CA TYR B 117 40.98 10.68 -13.27
C TYR B 117 40.47 10.42 -14.68
N HIS B 118 40.47 11.43 -15.54
CA HIS B 118 39.74 11.33 -16.81
C HIS B 118 40.16 10.11 -17.61
N ALA B 119 41.46 9.90 -17.78
CA ALA B 119 41.94 8.79 -18.59
C ALA B 119 41.45 7.45 -18.05
N MET B 120 41.46 7.29 -16.71
CA MET B 120 40.97 6.06 -16.13
C MET B 120 39.46 5.90 -16.35
N MET B 121 38.72 6.99 -16.25
CA MET B 121 37.29 6.92 -16.56
C MET B 121 37.07 6.48 -18.01
N VAL B 122 37.88 7.00 -18.93
CA VAL B 122 37.77 6.60 -20.32
C VAL B 122 38.09 5.12 -20.49
N ASP B 123 39.08 4.62 -19.73
CA ASP B 123 39.41 3.20 -19.78
C ASP B 123 38.16 2.34 -19.56
N ILE B 124 37.42 2.62 -18.49
CA ILE B 124 36.23 1.81 -18.20
C ILE B 124 35.13 2.09 -19.21
N ALA B 125 34.97 3.36 -19.61
CA ALA B 125 33.93 3.69 -20.58
C ALA B 125 34.14 2.96 -21.90
N VAL B 126 35.40 2.86 -22.33
CA VAL B 126 35.70 2.14 -23.57
C VAL B 126 35.31 0.67 -23.43
N GLN B 127 35.56 0.09 -22.25
CA GLN B 127 35.16 -1.30 -22.01
C GLN B 127 33.65 -1.47 -22.12
N LEU B 128 32.89 -0.51 -21.61
CA LEU B 128 31.43 -0.59 -21.74
C LEU B 128 31.02 -0.54 -23.21
N VAL B 129 31.56 0.43 -23.95
CA VAL B 129 31.21 0.57 -25.37
C VAL B 129 31.58 -0.70 -26.13
N GLN B 130 32.77 -1.24 -25.87
CA GLN B 130 33.21 -2.43 -26.61
C GLN B 130 32.33 -3.63 -26.31
N LYS B 131 31.88 -3.78 -25.06
CA LYS B 131 30.97 -4.86 -24.74
C LYS B 131 29.73 -4.79 -25.62
N TRP B 132 29.13 -3.60 -25.72
CA TRP B 132 27.91 -3.44 -26.50
C TRP B 132 28.17 -3.56 -27.99
N GLU B 133 29.35 -3.11 -28.46
CA GLU B 133 29.73 -3.32 -29.85
C GLU B 133 29.78 -4.80 -30.20
N ARG B 134 30.13 -5.65 -29.23
CA ARG B 134 30.41 -7.06 -29.47
C ARG B 134 29.21 -7.97 -29.22
N LEU B 135 28.05 -7.41 -28.89
CA LEU B 135 26.86 -8.22 -28.73
C LEU B 135 26.31 -8.63 -30.09
N ASN B 136 25.81 -9.87 -30.16
CA ASN B 136 25.18 -10.34 -31.39
C ASN B 136 23.75 -9.81 -31.48
N ALA B 137 23.16 -9.95 -32.67
CA ALA B 137 21.84 -9.37 -32.92
C ALA B 137 20.78 -9.95 -32.00
N ASP B 138 20.91 -11.22 -31.61
CA ASP B 138 19.89 -11.86 -30.78
C ASP B 138 19.98 -11.45 -29.32
N GLU B 139 21.01 -10.69 -28.93
CA GLU B 139 21.24 -10.33 -27.54
C GLU B 139 20.69 -8.93 -27.24
N HIS B 140 20.72 -8.58 -25.96
CA HIS B 140 20.25 -7.27 -25.52
C HIS B 140 21.10 -6.83 -24.33
N ILE B 141 20.80 -5.63 -23.83
CA ILE B 141 21.57 -5.00 -22.77
C ILE B 141 20.73 -4.95 -21.50
N GLU B 142 21.31 -5.38 -20.39
CA GLU B 142 20.73 -5.17 -19.06
C GLU B 142 21.34 -3.89 -18.52
N VAL B 143 20.56 -2.81 -18.54
CA VAL B 143 21.09 -1.46 -18.39
C VAL B 143 21.67 -1.22 -17.00
N PRO B 144 20.88 -1.31 -15.93
CA PRO B 144 21.46 -1.06 -14.60
C PRO B 144 22.59 -1.99 -14.26
N GLU B 145 22.54 -3.24 -14.72
CA GLU B 145 23.63 -4.18 -14.48
C GLU B 145 24.92 -3.69 -15.11
N ASP B 146 24.86 -3.22 -16.36
CA ASP B 146 26.07 -2.74 -17.02
C ASP B 146 26.49 -1.38 -16.50
N MET B 147 25.54 -0.53 -16.11
CA MET B 147 25.91 0.74 -15.49
C MET B 147 26.64 0.51 -14.17
N THR B 148 26.24 -0.49 -13.43
CA THR B 148 26.95 -0.85 -12.23
C THR B 148 28.41 -1.38 -12.50
N ARG B 149 28.57 -2.18 -13.53
CA ARG B 149 29.87 -2.64 -13.97
C ARG B 149 30.76 -1.41 -14.20
N LEU B 150 30.23 -0.47 -14.93
CA LEU B 150 30.95 0.71 -15.26
C LEU B 150 31.30 1.57 -14.03
N THR B 151 30.34 1.90 -13.21
CA THR B 151 30.58 2.84 -12.12
C THR B 151 31.43 2.22 -11.01
N LEU B 152 31.20 0.95 -10.69
CA LEU B 152 32.05 0.30 -9.69
C LEU B 152 33.49 0.25 -10.16
N ASP B 153 33.72 -0.19 -11.39
CA ASP B 153 35.08 -0.26 -11.90
C ASP B 153 35.73 1.12 -11.95
N THR B 154 34.95 2.16 -12.20
CA THR B 154 35.52 3.51 -12.27
C THR B 154 36.00 3.97 -10.90
N ILE B 155 35.19 3.79 -9.86
CA ILE B 155 35.64 4.21 -8.54
C ILE B 155 36.75 3.29 -8.05
N GLY B 156 36.70 2.01 -8.41
CA GLY B 156 37.78 1.11 -8.05
C GLY B 156 39.11 1.53 -8.66
N LEU B 157 39.09 1.90 -9.94
CA LEU B 157 40.33 2.29 -10.61
C LEU B 157 40.76 3.69 -10.18
N CYS B 158 39.86 4.66 -10.25
CA CYS B 158 40.22 6.04 -9.95
C CYS B 158 40.58 6.23 -8.49
N GLY B 159 39.85 5.57 -7.59
CA GLY B 159 40.03 5.81 -6.18
C GLY B 159 41.08 4.95 -5.52
N PHE B 160 41.27 3.74 -6.05
CA PHE B 160 42.07 2.74 -5.35
C PHE B 160 43.04 1.99 -6.26
N ASN B 161 43.15 2.35 -7.53
CA ASN B 161 44.00 1.66 -8.49
C ASN B 161 43.78 0.15 -8.40
N TYR B 162 42.52 -0.24 -8.25
CA TYR B 162 42.12 -1.64 -8.15
C TYR B 162 41.13 -1.93 -9.27
N ARG B 163 41.34 -3.04 -9.97
CA ARG B 163 40.50 -3.40 -11.10
C ARG B 163 39.54 -4.51 -10.69
N PHE B 164 38.26 -4.15 -10.54
CA PHE B 164 37.22 -5.14 -10.30
C PHE B 164 36.99 -6.02 -11.52
N ASN B 165 37.34 -5.55 -12.71
CA ASN B 165 37.16 -6.29 -13.96
C ASN B 165 35.74 -6.83 -14.07
N SER B 166 34.78 -5.94 -13.82
CA SER B 166 33.37 -6.33 -13.83
C SER B 166 32.91 -6.75 -15.23
N PHE B 167 33.52 -6.19 -16.29
CA PHE B 167 33.12 -6.55 -17.63
C PHE B 167 33.66 -7.91 -18.07
N TYR B 168 34.59 -8.48 -17.31
CA TYR B 168 35.04 -9.85 -17.53
C TYR B 168 34.19 -10.85 -16.76
N ARG B 169 33.05 -10.41 -16.22
CA ARG B 169 32.17 -11.26 -15.44
C ARG B 169 30.78 -11.30 -16.07
N ASP B 170 30.21 -12.50 -16.10
CA ASP B 170 28.92 -12.74 -16.74
C ASP B 170 27.77 -12.23 -15.86
N GLN B 171 27.87 -12.44 -14.56
CA GLN B 171 26.88 -12.00 -13.60
C GLN B 171 27.46 -10.91 -12.71
N PRO B 172 26.63 -10.26 -11.89
CA PRO B 172 27.15 -9.16 -11.06
C PRO B 172 28.33 -9.59 -10.20
N HIS B 173 29.23 -8.64 -9.97
CA HIS B 173 30.38 -8.88 -9.12
C HIS B 173 29.92 -9.29 -7.72
N PRO B 174 30.60 -10.24 -7.06
CA PRO B 174 30.16 -10.64 -5.71
C PRO B 174 30.00 -9.48 -4.73
N PHE B 175 30.91 -8.51 -4.79
CA PHE B 175 30.80 -7.34 -3.93
C PHE B 175 29.47 -6.64 -4.12
N ILE B 176 29.01 -6.53 -5.37
CA ILE B 176 27.72 -5.91 -5.65
C ILE B 176 26.60 -6.72 -5.01
N THR B 177 26.60 -8.03 -5.21
CA THR B 177 25.53 -8.87 -4.69
C THR B 177 25.40 -8.71 -3.18
N SER B 178 26.53 -8.68 -2.47
CA SER B 178 26.49 -8.50 -1.02
C SER B 178 26.02 -7.10 -0.64
N MET B 179 26.46 -6.09 -1.41
CA MET B 179 26.03 -4.72 -1.14
C MET B 179 24.52 -4.59 -1.28
N VAL B 180 23.97 -5.06 -2.40
CA VAL B 180 22.53 -4.95 -2.62
C VAL B 180 21.77 -5.61 -1.49
N ARG B 181 22.20 -6.81 -1.08
CA ARG B 181 21.52 -7.50 0.01
C ARG B 181 21.62 -6.72 1.31
N ALA B 182 22.77 -6.10 1.57
CA ALA B 182 22.94 -5.35 2.81
C ALA B 182 22.07 -4.10 2.82
N LEU B 183 22.08 -3.35 1.72
CA LEU B 183 21.23 -2.17 1.63
C LEU B 183 19.75 -2.55 1.71
N ASP B 184 19.36 -3.62 1.01
N ASP B 184 19.37 -3.63 1.02
CA ASP B 184 17.98 -4.08 1.07
CA ASP B 184 17.98 -4.09 1.07
C ASP B 184 17.59 -4.43 2.49
C ASP B 184 17.58 -4.47 2.47
N GLU B 185 18.50 -5.09 3.23
CA GLU B 185 18.21 -5.46 4.61
C GLU B 185 18.00 -4.23 5.49
N ALA B 186 18.88 -3.23 5.34
CA ALA B 186 18.73 -2.00 6.10
C ALA B 186 17.36 -1.37 5.84
N MET B 187 16.96 -1.31 4.57
CA MET B 187 15.66 -0.74 4.24
C MET B 187 14.53 -1.57 4.82
N ASN B 188 14.60 -2.90 4.68
CA ASN B 188 13.54 -3.75 5.20
C ASN B 188 13.43 -3.65 6.72
N LYS B 189 14.55 -3.47 7.42
CA LYS B 189 14.51 -3.36 8.87
C LYS B 189 13.65 -2.19 9.33
N LEU B 190 13.55 -1.14 8.50
CA LEU B 190 12.78 0.04 8.90
C LEU B 190 11.30 -0.27 9.08
N GLN B 191 10.80 -1.33 8.46
CA GLN B 191 9.38 -1.65 8.50
C GLN B 191 9.05 -2.78 9.46
N ARG B 192 10.01 -3.28 10.22
CA ARG B 192 9.78 -4.44 11.06
C ARG B 192 9.12 -4.04 12.38
N ALA B 193 7.93 -4.58 12.62
CA ALA B 193 7.26 -4.37 13.90
C ALA B 193 8.05 -4.99 15.04
N ASN B 194 8.52 -6.23 14.86
CA ASN B 194 9.22 -7.00 15.88
C ASN B 194 10.60 -7.39 15.34
N PRO B 195 11.57 -6.47 15.41
CA PRO B 195 12.87 -6.74 14.76
C PRO B 195 13.68 -7.85 15.41
N ASP B 196 13.41 -8.21 16.66
CA ASP B 196 14.14 -9.29 17.33
C ASP B 196 13.42 -10.62 17.25
N ASP B 197 12.35 -10.71 16.46
CA ASP B 197 11.64 -11.97 16.29
C ASP B 197 12.57 -13.00 15.66
N PRO B 198 12.64 -14.24 16.20
CA PRO B 198 13.47 -15.27 15.57
C PRO B 198 13.31 -15.40 14.06
N ALA B 199 12.15 -15.01 13.52
CA ALA B 199 11.95 -15.08 12.08
C ALA B 199 12.98 -14.27 11.31
N TYR B 200 13.68 -13.36 11.97
CA TYR B 200 14.67 -12.51 11.33
C TYR B 200 16.10 -12.92 11.67
N ASP B 201 16.30 -14.09 12.27
CA ASP B 201 17.66 -14.56 12.56
C ASP B 201 18.44 -14.80 11.28
N GLU B 202 17.81 -15.43 10.28
CA GLU B 202 18.49 -15.70 9.02
C GLU B 202 18.89 -14.39 8.33
N ASN B 203 18.03 -13.38 8.40
CA ASN B 203 18.38 -12.07 7.84
C ASN B 203 19.64 -11.52 8.50
N LYS B 204 19.71 -11.60 9.84
CA LYS B 204 20.86 -11.06 10.56
C LYS B 204 22.13 -11.85 10.22
N ARG B 205 22.02 -13.17 10.08
CA ARG B 205 23.18 -13.97 9.71
C ARG B 205 23.66 -13.60 8.31
N GLN B 206 22.74 -13.43 7.36
CA GLN B 206 23.10 -13.03 6.01
C GLN B 206 23.70 -11.62 6.01
N PHE B 207 23.16 -10.73 6.84
CA PHE B 207 23.67 -9.37 6.93
C PHE B 207 25.15 -9.37 7.32
N GLN B 208 25.50 -10.14 8.35
CA GLN B 208 26.89 -10.25 8.77
C GLN B 208 27.75 -10.85 7.67
N GLU B 209 27.24 -11.87 6.99
CA GLU B 209 27.98 -12.52 5.92
C GLU B 209 28.26 -11.54 4.78
N ASP B 210 27.31 -10.67 4.47
CA ASP B 210 27.53 -9.68 3.42
C ASP B 210 28.51 -8.59 3.87
N ILE B 211 28.49 -8.23 5.15
CA ILE B 211 29.47 -7.28 5.67
C ILE B 211 30.87 -7.87 5.57
N LYS B 212 31.00 -9.19 5.82
CA LYS B 212 32.31 -9.82 5.71
C LYS B 212 32.80 -9.82 4.27
N VAL B 213 31.92 -10.14 3.32
CA VAL B 213 32.30 -10.10 1.90
C VAL B 213 32.89 -8.74 1.55
N MET B 214 32.23 -7.67 1.99
CA MET B 214 32.69 -6.34 1.66
C MET B 214 34.03 -6.03 2.32
N ASN B 215 34.24 -6.51 3.54
CA ASN B 215 35.51 -6.28 4.22
C ASN B 215 36.63 -7.15 3.67
N ASP B 216 36.31 -8.35 3.17
CA ASP B 216 37.32 -9.15 2.49
C ASP B 216 37.83 -8.45 1.24
N LEU B 217 36.95 -7.72 0.55
CA LEU B 217 37.37 -6.94 -0.60
C LEU B 217 38.26 -5.78 -0.19
N VAL B 218 37.89 -5.09 0.90
CA VAL B 218 38.75 -4.04 1.45
C VAL B 218 40.15 -4.58 1.69
N ASP B 219 40.25 -5.78 2.25
CA ASP B 219 41.56 -6.37 2.54
C ASP B 219 42.40 -6.51 1.27
N LYS B 220 41.78 -6.95 0.18
CA LYS B 220 42.52 -7.12 -1.07
C LYS B 220 43.02 -5.77 -1.59
N ILE B 221 42.19 -4.73 -1.48
CA ILE B 221 42.60 -3.40 -1.95
C ILE B 221 43.80 -2.93 -1.15
N ILE B 222 43.74 -3.07 0.18
CA ILE B 222 44.85 -2.64 1.03
C ILE B 222 46.09 -3.47 0.74
N ALA B 223 45.93 -4.79 0.59
CA ALA B 223 47.08 -5.65 0.32
C ALA B 223 47.72 -5.30 -1.02
N ASP B 224 46.91 -5.05 -2.05
CA ASP B 224 47.46 -4.72 -3.36
C ASP B 224 48.22 -3.40 -3.33
N ARG B 225 47.70 -2.41 -2.62
CA ARG B 225 48.40 -1.12 -2.52
C ARG B 225 49.74 -1.30 -1.81
N LYS B 226 49.77 -2.09 -0.74
CA LYS B 226 51.02 -2.30 -0.01
C LYS B 226 52.06 -2.97 -0.88
N ALA B 227 51.65 -3.83 -1.81
CA ALA B 227 52.58 -4.56 -2.67
C ALA B 227 52.90 -3.84 -3.97
N SER B 228 52.16 -2.78 -4.31
CA SER B 228 52.32 -2.11 -5.60
C SER B 228 53.77 -1.67 -5.82
N GLN B 231 53.36 3.71 -7.46
CA GLN B 231 53.31 5.07 -6.93
C GLN B 231 52.06 5.79 -7.42
N SER B 232 51.06 5.87 -6.56
CA SER B 232 49.81 6.57 -6.86
C SER B 232 49.67 7.81 -5.99
N ASP B 233 48.70 8.65 -6.35
CA ASP B 233 48.30 9.79 -5.53
C ASP B 233 46.79 9.93 -5.65
N ASP B 234 46.07 8.88 -5.26
CA ASP B 234 44.62 8.83 -5.40
C ASP B 234 43.96 8.89 -4.02
N LEU B 235 42.65 8.62 -4.01
CA LEU B 235 41.87 8.65 -2.78
C LEU B 235 42.52 7.78 -1.70
N LEU B 236 42.94 6.57 -2.07
CA LEU B 236 43.53 5.66 -1.10
C LEU B 236 44.85 6.21 -0.56
N THR B 237 45.62 6.88 -1.41
CA THR B 237 46.88 7.49 -0.95
C THR B 237 46.60 8.50 0.15
N HIS B 238 45.61 9.36 -0.04
CA HIS B 238 45.29 10.37 0.96
C HIS B 238 44.75 9.73 2.24
N MET B 239 43.92 8.68 2.11
CA MET B 239 43.50 7.94 3.29
C MET B 239 44.69 7.48 4.11
N LEU B 240 45.68 6.89 3.44
CA LEU B 240 46.78 6.24 4.14
C LEU B 240 47.80 7.24 4.68
N ASN B 241 48.03 8.34 3.95
CA ASN B 241 49.11 9.26 4.26
C ASN B 241 48.65 10.65 4.63
N GLY B 242 47.44 11.07 4.26
CA GLY B 242 47.04 12.44 4.46
C GLY B 242 46.92 12.81 5.93
N LYS B 243 47.24 14.06 6.22
CA LYS B 243 47.11 14.62 7.56
C LYS B 243 46.04 15.72 7.55
N ASP B 244 45.22 15.74 8.58
CA ASP B 244 44.24 16.80 8.73
C ASP B 244 44.96 18.11 9.04
N PRO B 245 44.82 19.15 8.22
CA PRO B 245 45.53 20.41 8.52
C PRO B 245 45.15 21.00 9.88
N GLU B 246 43.93 20.79 10.36
CA GLU B 246 43.50 21.42 11.60
C GLU B 246 44.15 20.75 12.80
N THR B 247 44.15 19.41 12.84
CA THR B 247 44.60 18.67 14.00
C THR B 247 45.97 18.03 13.82
N GLY B 248 46.49 17.97 12.60
CA GLY B 248 47.70 17.23 12.32
C GLY B 248 47.54 15.73 12.29
N GLU B 249 46.31 15.19 12.59
CA GLU B 249 46.08 13.76 12.77
C GLU B 249 45.82 13.08 11.43
N PRO B 250 46.33 11.87 11.23
CA PRO B 250 45.87 11.03 10.13
C PRO B 250 44.61 10.26 10.54
N LEU B 251 44.02 9.59 9.56
CA LEU B 251 42.95 8.64 9.84
C LEU B 251 43.55 7.35 10.37
N ASP B 252 42.95 6.81 11.42
CA ASP B 252 43.43 5.53 11.94
C ASP B 252 42.98 4.40 11.02
N ASP B 253 43.58 3.22 11.22
CA ASP B 253 43.29 2.09 10.34
C ASP B 253 41.80 1.77 10.32
N GLU B 254 41.15 1.82 11.47
CA GLU B 254 39.74 1.47 11.54
C GLU B 254 38.90 2.38 10.66
N ASN B 255 39.12 3.70 10.76
CA ASN B 255 38.34 4.64 9.96
C ASN B 255 38.67 4.50 8.48
N ILE B 256 39.93 4.22 8.15
CA ILE B 256 40.31 4.02 6.75
C ILE B 256 39.47 2.91 6.13
N ARG B 257 39.33 1.79 6.83
CA ARG B 257 38.51 0.70 6.30
C ARG B 257 37.08 1.17 6.05
N TYR B 258 36.53 1.95 6.98
CA TYR B 258 35.17 2.47 6.79
C TYR B 258 35.10 3.39 5.57
N GLN B 259 36.12 4.22 5.37
CA GLN B 259 36.08 5.13 4.22
C GLN B 259 36.18 4.36 2.91
N ILE B 260 36.93 3.26 2.89
CA ILE B 260 37.04 2.47 1.65
C ILE B 260 35.69 1.88 1.27
N ILE B 261 35.03 1.23 2.23
CA ILE B 261 33.68 0.69 1.98
C ILE B 261 32.74 1.82 1.57
N THR B 262 32.80 2.94 2.28
CA THR B 262 31.90 4.05 2.00
C THR B 262 32.05 4.54 0.57
N PHE B 263 33.29 4.77 0.14
CA PHE B 263 33.50 5.32 -1.19
C PHE B 263 33.27 4.29 -2.28
N LEU B 264 33.55 3.01 -2.02
CA LEU B 264 33.28 1.99 -3.02
C LEU B 264 31.78 1.90 -3.30
N ILE B 265 30.96 2.01 -2.27
CA ILE B 265 29.52 1.87 -2.41
C ILE B 265 28.90 3.21 -2.77
N ALA B 266 29.15 4.22 -1.93
CA ALA B 266 28.58 5.54 -2.21
C ALA B 266 29.10 6.09 -3.53
N GLY B 267 30.32 5.74 -3.91
CA GLY B 267 30.95 6.28 -5.09
C GLY B 267 30.57 5.61 -6.40
N HIS B 268 29.60 4.71 -6.41
CA HIS B 268 29.15 4.11 -7.67
C HIS B 268 27.66 3.84 -7.75
N GLU B 269 26.99 3.49 -6.65
CA GLU B 269 25.62 2.99 -6.74
C GLU B 269 24.68 4.06 -7.28
N THR B 270 24.73 5.27 -6.72
CA THR B 270 23.82 6.33 -7.16
C THR B 270 24.17 6.82 -8.56
N THR B 271 25.45 6.72 -8.95
CA THR B 271 25.81 7.09 -10.32
C THR B 271 25.30 6.06 -11.32
N SER B 272 25.30 4.77 -10.93
CA SER B 272 24.70 3.75 -11.77
C SER B 272 23.21 3.99 -11.94
N GLY B 273 22.53 4.35 -10.84
CA GLY B 273 21.12 4.69 -10.95
C GLY B 273 20.87 5.88 -11.86
N LEU B 274 21.69 6.92 -11.73
CA LEU B 274 21.52 8.10 -12.56
C LEU B 274 21.63 7.74 -14.05
N LEU B 275 22.68 7.03 -14.43
CA LEU B 275 22.84 6.65 -15.83
C LEU B 275 21.67 5.81 -16.32
N SER B 276 21.18 4.91 -15.47
CA SER B 276 20.04 4.07 -15.86
C SER B 276 18.79 4.90 -16.08
N PHE B 277 18.47 5.80 -15.13
CA PHE B 277 17.32 6.68 -15.31
C PHE B 277 17.47 7.55 -16.55
N ALA B 278 18.67 8.09 -16.76
CA ALA B 278 18.89 8.98 -17.91
C ALA B 278 18.64 8.24 -19.21
N LEU B 279 19.16 7.02 -19.35
CA LEU B 279 18.91 6.26 -20.57
C LEU B 279 17.44 5.89 -20.69
N TYR B 280 16.79 5.57 -19.57
CA TYR B 280 15.35 5.33 -19.60
C TYR B 280 14.61 6.51 -20.20
N PHE B 281 14.83 7.70 -19.64
CA PHE B 281 14.11 8.87 -20.11
C PHE B 281 14.46 9.21 -21.54
N LEU B 282 15.69 8.93 -21.97
CA LEU B 282 16.07 9.21 -23.35
C LEU B 282 15.28 8.34 -24.32
N VAL B 283 15.18 7.04 -24.05
CA VAL B 283 14.47 6.17 -24.98
C VAL B 283 12.97 6.41 -24.94
N LYS B 284 12.45 7.04 -23.88
CA LYS B 284 11.03 7.38 -23.81
C LYS B 284 10.71 8.75 -24.37
N ASN B 285 11.71 9.56 -24.71
CA ASN B 285 11.49 10.92 -25.19
C ASN B 285 12.35 11.12 -26.44
N PRO B 286 11.86 10.67 -27.60
CA PRO B 286 12.70 10.66 -28.81
C PRO B 286 13.29 12.01 -29.17
N HIS B 287 12.54 13.10 -29.02
CA HIS B 287 13.06 14.41 -29.41
C HIS B 287 14.20 14.85 -28.50
N VAL B 288 14.16 14.47 -27.23
CA VAL B 288 15.29 14.73 -26.34
C VAL B 288 16.47 13.85 -26.72
N LEU B 289 16.21 12.59 -27.04
CA LEU B 289 17.28 11.69 -27.47
C LEU B 289 17.99 12.23 -28.71
N GLN B 290 17.21 12.70 -29.70
CA GLN B 290 17.81 13.25 -30.92
C GLN B 290 18.72 14.43 -30.60
N LYS B 291 18.26 15.34 -29.74
CA LYS B 291 19.05 16.52 -29.41
C LYS B 291 20.32 16.15 -28.66
N ALA B 292 20.22 15.20 -27.72
CA ALA B 292 21.41 14.76 -27.01
C ALA B 292 22.38 14.04 -27.95
N ALA B 293 21.85 13.21 -28.84
CA ALA B 293 22.71 12.52 -29.80
C ALA B 293 23.37 13.50 -30.76
N GLU B 294 22.65 14.54 -31.18
CA GLU B 294 23.24 15.55 -32.05
C GLU B 294 24.40 16.24 -31.35
N GLU B 295 24.24 16.59 -30.07
CA GLU B 295 25.33 17.21 -29.34
C GLU B 295 26.53 16.28 -29.25
N ALA B 296 26.30 15.01 -28.91
CA ALA B 296 27.41 14.08 -28.75
C ALA B 296 28.22 13.98 -30.04
N ALA B 297 27.54 13.87 -31.19
CA ALA B 297 28.24 13.77 -32.46
C ALA B 297 29.02 15.05 -32.77
N ARG B 298 28.42 16.20 -32.46
CA ARG B 298 29.06 17.48 -32.76
C ARG B 298 30.31 17.70 -31.89
N VAL B 299 30.24 17.33 -30.62
CA VAL B 299 31.28 17.68 -29.66
C VAL B 299 32.39 16.62 -29.63
N LEU B 300 32.04 15.35 -29.68
CA LEU B 300 33.01 14.26 -29.50
C LEU B 300 33.58 13.86 -30.85
N VAL B 301 34.48 14.72 -31.36
CA VAL B 301 35.02 14.56 -32.71
C VAL B 301 36.29 13.72 -32.74
N ASP B 302 36.82 13.33 -31.61
CA ASP B 302 38.05 12.55 -31.52
C ASP B 302 37.75 11.09 -31.17
N PRO B 303 38.73 10.21 -31.32
CA PRO B 303 38.47 8.78 -31.04
C PRO B 303 38.03 8.51 -29.61
N VAL B 304 38.51 9.28 -28.63
CA VAL B 304 37.96 9.22 -27.28
C VAL B 304 37.79 10.64 -26.76
N PRO B 305 36.87 10.84 -25.82
CA PRO B 305 36.63 12.20 -25.32
C PRO B 305 37.79 12.71 -24.48
N SER B 306 38.08 14.00 -24.65
CA SER B 306 38.97 14.72 -23.75
C SER B 306 38.17 15.27 -22.57
N TYR B 307 38.92 15.66 -21.52
CA TYR B 307 38.28 16.26 -20.35
C TYR B 307 37.48 17.50 -20.75
N LYS B 308 38.08 18.39 -21.53
CA LYS B 308 37.39 19.62 -21.92
C LYS B 308 36.15 19.33 -22.75
N GLN B 309 36.20 18.30 -23.59
CA GLN B 309 35.03 17.98 -24.42
C GLN B 309 33.84 17.54 -23.57
N VAL B 310 34.10 16.75 -22.52
CA VAL B 310 33.02 16.35 -21.63
C VAL B 310 32.35 17.58 -21.03
N LYS B 311 33.15 18.60 -20.71
CA LYS B 311 32.58 19.84 -20.16
C LYS B 311 31.68 20.55 -21.15
N GLN B 312 31.96 20.39 -22.46
N GLN B 312 31.94 20.39 -22.45
CA GLN B 312 31.19 21.01 -23.53
CA GLN B 312 31.13 21.08 -23.45
C GLN B 312 29.87 20.31 -23.82
C GLN B 312 29.94 20.24 -23.91
N LEU B 313 29.64 19.13 -23.24
CA LEU B 313 28.41 18.38 -23.47
C LEU B 313 27.31 18.96 -22.58
N LYS B 314 26.89 20.18 -22.93
CA LYS B 314 25.97 20.92 -22.09
C LYS B 314 24.61 20.25 -22.00
N TYR B 315 24.05 19.85 -23.15
CA TYR B 315 22.72 19.26 -23.13
C TYR B 315 22.73 17.91 -22.41
N VAL B 316 23.79 17.12 -22.59
CA VAL B 316 23.90 15.87 -21.85
C VAL B 316 23.86 16.14 -20.36
N GLY B 317 24.56 17.19 -19.91
CA GLY B 317 24.50 17.56 -18.50
C GLY B 317 23.11 17.95 -18.06
N MET B 318 22.36 18.63 -18.93
CA MET B 318 20.98 18.96 -18.61
C MET B 318 20.13 17.71 -18.52
N VAL B 319 20.36 16.73 -19.40
CA VAL B 319 19.65 15.46 -19.33
C VAL B 319 19.87 14.79 -17.98
N LEU B 320 21.12 14.78 -17.50
CA LEU B 320 21.42 14.15 -16.22
C LEU B 320 20.76 14.88 -15.06
N ASN B 321 20.78 16.22 -15.07
CA ASN B 321 20.15 16.98 -14.00
C ASN B 321 18.65 16.75 -13.99
N GLU B 322 18.03 16.67 -15.17
CA GLU B 322 16.59 16.42 -15.22
C GLU B 322 16.25 15.00 -14.77
N ALA B 323 17.14 14.05 -15.02
CA ALA B 323 16.95 12.71 -14.46
C ALA B 323 17.05 12.75 -12.94
N LEU B 324 18.00 13.52 -12.41
CA LEU B 324 18.11 13.69 -10.96
C LEU B 324 16.93 14.45 -10.38
N ARG B 325 16.30 15.34 -11.16
CA ARG B 325 15.13 16.03 -10.65
C ARG B 325 14.00 15.06 -10.38
N LEU B 326 13.66 14.23 -11.37
CA LEU B 326 12.52 13.34 -11.24
C LEU B 326 12.81 12.19 -10.28
N TRP B 327 13.99 11.58 -10.37
CA TRP B 327 14.35 10.43 -9.56
C TRP B 327 15.76 10.61 -9.01
N PRO B 328 15.92 11.47 -8.02
CA PRO B 328 17.20 11.57 -7.32
C PRO B 328 17.53 10.22 -6.69
N THR B 329 18.68 9.68 -7.06
CA THR B 329 18.97 8.28 -6.74
C THR B 329 19.37 8.08 -5.29
N ALA B 330 19.69 9.14 -4.58
CA ALA B 330 19.83 9.12 -3.10
C ALA B 330 18.61 10.00 -2.69
N PRO B 331 17.44 9.43 -2.48
CA PRO B 331 16.20 10.22 -2.51
C PRO B 331 15.85 10.94 -1.22
N ALA B 332 16.64 10.85 -0.16
CA ALA B 332 16.28 11.52 1.08
C ALA B 332 17.53 11.79 1.90
N PHE B 333 17.51 12.91 2.63
CA PHE B 333 18.50 13.14 3.68
C PHE B 333 17.80 13.74 4.89
N SER B 334 18.41 13.54 6.05
CA SER B 334 17.78 13.78 7.33
C SER B 334 18.50 14.89 8.08
N LEU B 335 17.73 15.69 8.80
CA LEU B 335 18.23 16.80 9.59
C LEU B 335 17.63 16.75 10.99
N TYR B 336 18.28 17.42 11.93
CA TYR B 336 17.74 17.53 13.28
C TYR B 336 17.89 18.95 13.77
N ALA B 337 16.95 19.37 14.61
CA ALA B 337 16.96 20.72 15.18
C ALA B 337 18.08 20.82 16.22
N LYS B 338 19.03 21.75 15.98
CA LYS B 338 20.11 21.94 16.92
C LYS B 338 19.62 22.51 18.25
N GLU B 339 18.55 23.31 18.20
CA GLU B 339 17.93 23.85 19.40
C GLU B 339 16.43 23.94 19.15
N ASP B 340 15.68 24.21 20.22
CA ASP B 340 14.27 24.55 20.07
C ASP B 340 14.12 25.66 19.04
N THR B 341 13.17 25.50 18.13
CA THR B 341 12.97 26.48 17.07
C THR B 341 11.59 26.26 16.46
N VAL B 342 11.18 27.22 15.65
CA VAL B 342 9.92 27.18 14.91
C VAL B 342 10.25 27.03 13.43
N LEU B 343 9.58 26.10 12.77
CA LEU B 343 9.76 25.86 11.34
C LEU B 343 8.59 26.49 10.58
N GLY B 344 8.93 27.27 9.55
CA GLY B 344 7.92 27.86 8.68
C GLY B 344 6.97 28.79 9.40
N GLY B 345 7.35 29.31 10.56
CA GLY B 345 6.48 30.18 11.33
C GLY B 345 5.23 29.49 11.82
N GLU B 346 5.22 28.17 11.81
CA GLU B 346 4.00 27.42 12.12
C GLU B 346 4.25 26.24 13.05
N TYR B 347 5.39 25.56 12.91
CA TYR B 347 5.60 24.27 13.54
C TYR B 347 6.72 24.35 14.57
N PRO B 348 6.40 24.35 15.88
CA PRO B 348 7.46 24.37 16.89
C PRO B 348 8.15 23.02 16.99
N LEU B 349 9.48 23.04 17.00
CA LEU B 349 10.30 21.85 17.11
C LEU B 349 11.16 21.92 18.36
N GLU B 350 11.38 20.76 18.97
CA GLU B 350 12.26 20.66 20.12
C GLU B 350 13.64 20.21 19.67
N LYS B 351 14.66 20.61 20.42
CA LYS B 351 16.02 20.17 20.18
C LYS B 351 16.07 18.68 19.91
N GLY B 352 16.64 18.30 18.76
CA GLY B 352 16.78 16.92 18.39
C GLY B 352 15.70 16.37 17.49
N ASP B 353 14.61 17.10 17.29
CA ASP B 353 13.54 16.60 16.41
C ASP B 353 14.07 16.39 15.00
N GLU B 354 13.63 15.30 14.37
CA GLU B 354 14.13 14.91 13.06
C GLU B 354 13.26 15.47 11.95
N LEU B 355 13.91 15.94 10.90
CA LEU B 355 13.26 16.30 9.64
C LEU B 355 13.86 15.44 8.53
N MET B 356 13.00 14.93 7.65
CA MET B 356 13.44 14.15 6.51
C MET B 356 13.07 14.89 5.23
N VAL B 357 14.07 15.20 4.41
CA VAL B 357 13.83 15.85 3.13
C VAL B 357 13.51 14.78 2.09
N LEU B 358 12.32 14.88 1.50
CA LEU B 358 11.87 13.95 0.47
C LEU B 358 12.21 14.58 -0.87
N ILE B 359 13.40 14.27 -1.38
CA ILE B 359 13.93 15.00 -2.53
C ILE B 359 13.01 14.88 -3.74
N PRO B 360 12.45 13.71 -4.06
CA PRO B 360 11.55 13.65 -5.23
C PRO B 360 10.36 14.58 -5.12
N GLN B 361 9.86 14.81 -3.91
CA GLN B 361 8.74 15.73 -3.73
C GLN B 361 9.18 17.18 -3.90
N LEU B 362 10.29 17.55 -3.25
CA LEU B 362 10.87 18.86 -3.46
C LEU B 362 10.96 19.16 -4.96
N HIS B 363 11.47 18.20 -5.73
CA HIS B 363 11.68 18.37 -7.16
C HIS B 363 10.38 18.35 -7.95
N ARG B 364 9.24 18.20 -7.29
CA ARG B 364 7.93 18.29 -7.92
C ARG B 364 7.08 19.42 -7.36
N ASP B 365 7.69 20.33 -6.59
CA ASP B 365 6.98 21.47 -6.04
C ASP B 365 6.51 22.38 -7.17
N LYS B 366 5.20 22.46 -7.37
CA LYS B 366 4.65 23.21 -8.49
C LYS B 366 4.93 24.71 -8.37
N THR B 367 5.00 25.24 -7.15
CA THR B 367 5.27 26.67 -7.01
C THR B 367 6.65 27.03 -7.54
N ILE B 368 7.54 26.05 -7.68
CA ILE B 368 8.90 26.27 -8.20
C ILE B 368 9.00 25.87 -9.67
N TRP B 369 8.48 24.69 -10.01
CA TRP B 369 8.76 24.07 -11.29
C TRP B 369 7.61 24.20 -12.30
N GLY B 370 6.47 24.74 -11.89
CA GLY B 370 5.34 24.85 -12.79
C GLY B 370 4.43 23.65 -12.71
N ASP B 371 3.50 23.58 -13.67
CA ASP B 371 2.39 22.63 -13.64
C ASP B 371 2.64 21.40 -14.52
N ASP B 372 3.88 21.06 -14.80
CA ASP B 372 4.20 19.89 -15.62
C ASP B 372 5.43 19.17 -15.06
N VAL B 373 5.41 18.92 -13.74
CA VAL B 373 6.60 18.41 -13.08
C VAL B 373 6.92 16.97 -13.48
N GLU B 374 5.96 16.24 -14.02
CA GLU B 374 6.22 14.84 -14.38
C GLU B 374 6.86 14.69 -15.75
N GLU B 375 6.87 15.74 -16.57
CA GLU B 375 7.46 15.67 -17.90
C GLU B 375 8.99 15.73 -17.80
N PHE B 376 9.65 15.02 -18.70
CA PHE B 376 11.10 15.01 -18.77
C PHE B 376 11.54 16.11 -19.74
N ARG B 377 12.02 17.23 -19.20
CA ARG B 377 12.34 18.42 -19.99
C ARG B 377 13.70 18.96 -19.56
N PRO B 378 14.78 18.46 -20.16
CA PRO B 378 16.11 18.95 -19.76
C PRO B 378 16.29 20.44 -19.90
N GLU B 379 15.50 21.09 -20.77
CA GLU B 379 15.66 22.52 -20.99
C GLU B 379 15.29 23.34 -19.75
N ARG B 380 14.65 22.73 -18.76
CA ARG B 380 14.51 23.38 -17.45
C ARG B 380 15.84 23.92 -16.94
N PHE B 381 16.93 23.23 -17.27
CA PHE B 381 18.26 23.57 -16.78
C PHE B 381 19.07 24.33 -17.82
N GLU B 382 18.40 24.91 -18.82
CA GLU B 382 19.10 25.71 -19.82
C GLU B 382 19.93 26.81 -19.15
N ASN B 383 19.35 27.49 -18.18
CA ASN B 383 20.01 28.59 -17.46
C ASN B 383 19.97 28.35 -15.96
N PRO B 384 21.08 27.97 -15.33
CA PRO B 384 21.07 27.74 -13.87
C PRO B 384 20.38 28.83 -13.07
N SER B 385 20.39 30.08 -13.55
CA SER B 385 19.84 31.17 -12.77
C SER B 385 18.35 31.03 -12.52
N ALA B 386 17.64 30.35 -13.43
CA ALA B 386 16.18 30.21 -13.35
C ALA B 386 15.74 29.21 -12.29
N ILE B 387 16.66 28.65 -11.52
CA ILE B 387 16.34 27.65 -10.50
C ILE B 387 16.61 28.28 -9.13
N PRO B 388 15.57 28.56 -8.33
CA PRO B 388 15.82 29.21 -7.04
C PRO B 388 16.71 28.39 -6.12
N GLN B 389 17.28 29.09 -5.14
CA GLN B 389 18.08 28.43 -4.12
C GLN B 389 17.27 27.36 -3.41
N HIS B 390 17.90 26.20 -3.22
CA HIS B 390 17.32 25.08 -2.46
C HIS B 390 16.09 24.48 -3.13
N ALA B 391 15.92 24.68 -4.43
CA ALA B 391 14.88 24.01 -5.20
C ALA B 391 15.32 22.65 -5.72
N PHE B 392 16.63 22.48 -5.92
CA PHE B 392 17.19 21.31 -6.59
C PHE B 392 18.34 20.80 -5.71
N LYS B 393 18.12 19.66 -5.06
CA LYS B 393 19.03 19.19 -4.02
C LYS B 393 19.35 17.70 -4.14
N PRO B 394 19.66 17.19 -5.34
CA PRO B 394 20.00 15.76 -5.45
C PRO B 394 21.29 15.39 -4.75
N PHE B 395 22.12 16.37 -4.37
CA PHE B 395 23.42 16.10 -3.75
C PHE B 395 23.48 16.58 -2.30
N GLY B 396 22.34 16.75 -1.66
CA GLY B 396 22.35 17.12 -0.26
C GLY B 396 22.58 18.61 -0.05
N ASN B 397 23.03 18.96 1.15
CA ASN B 397 23.03 20.35 1.59
C ASN B 397 24.26 20.68 2.42
N GLY B 398 24.79 21.88 2.20
CA GLY B 398 25.74 22.49 3.12
C GLY B 398 27.06 21.75 3.18
N GLN B 399 27.68 21.79 4.37
CA GLN B 399 28.97 21.13 4.56
C GLN B 399 28.85 19.62 4.50
N ARG B 400 27.64 19.07 4.62
CA ARG B 400 27.40 17.64 4.48
C ARG B 400 26.85 17.28 3.11
N ALA B 401 27.02 18.15 2.12
CA ALA B 401 26.64 17.83 0.76
C ALA B 401 27.60 16.78 0.17
N CYS B 402 27.21 16.22 -0.96
CA CYS B 402 28.00 15.19 -1.63
C CYS B 402 29.39 15.70 -1.95
N ILE B 403 30.41 15.01 -1.43
CA ILE B 403 31.79 15.36 -1.75
C ILE B 403 32.16 14.95 -3.17
N GLY B 404 31.44 13.99 -3.75
CA GLY B 404 31.81 13.46 -5.05
C GLY B 404 30.90 13.89 -6.19
N GLN B 405 30.18 15.00 -6.01
CA GLN B 405 29.21 15.43 -7.00
C GLN B 405 29.83 15.57 -8.39
N GLN B 406 30.98 16.25 -8.48
CA GLN B 406 31.57 16.50 -9.78
C GLN B 406 32.19 15.24 -10.36
N PHE B 407 32.73 14.37 -9.50
CA PHE B 407 33.17 13.05 -9.95
C PHE B 407 32.02 12.30 -10.62
N ALA B 408 30.86 12.25 -9.96
CA ALA B 408 29.71 11.54 -10.51
C ALA B 408 29.28 12.12 -11.84
N LEU B 409 29.12 13.45 -11.91
CA LEU B 409 28.57 14.07 -13.11
C LEU B 409 29.56 14.02 -14.27
N HIS B 410 30.86 14.11 -13.98
CA HIS B 410 31.84 13.97 -15.05
C HIS B 410 31.82 12.56 -15.62
N GLU B 411 31.81 11.56 -14.74
CA GLU B 411 31.71 10.18 -15.19
C GLU B 411 30.44 9.94 -16.00
N ALA B 412 29.30 10.41 -15.49
CA ALA B 412 28.03 10.16 -16.15
C ALA B 412 27.95 10.89 -17.49
N THR B 413 28.43 12.13 -17.55
CA THR B 413 28.39 12.88 -18.81
C THR B 413 29.30 12.22 -19.85
N LEU B 414 30.52 11.87 -19.45
CA LEU B 414 31.45 11.18 -20.35
C LEU B 414 30.80 9.94 -20.94
N VAL B 415 30.28 9.07 -20.07
CA VAL B 415 29.78 7.76 -20.51
C VAL B 415 28.54 7.94 -21.37
N LEU B 416 27.60 8.78 -20.93
CA LEU B 416 26.38 8.98 -21.70
C LEU B 416 26.68 9.60 -23.05
N GLY B 417 27.66 10.52 -23.10
CA GLY B 417 28.07 11.08 -24.37
C GLY B 417 28.61 10.04 -25.33
N MET B 418 29.47 9.16 -24.83
CA MET B 418 30.01 8.09 -25.66
C MET B 418 28.91 7.13 -26.11
N MET B 419 27.98 6.80 -25.22
CA MET B 419 26.86 5.94 -25.60
C MET B 419 26.06 6.56 -26.73
N LEU B 420 25.73 7.84 -26.61
CA LEU B 420 24.92 8.51 -27.63
C LEU B 420 25.69 8.65 -28.93
N LYS B 421 27.02 8.79 -28.87
CA LYS B 421 27.81 8.89 -30.08
C LYS B 421 27.85 7.58 -30.85
N HIS B 422 27.86 6.45 -30.13
CA HIS B 422 28.21 5.18 -30.75
C HIS B 422 27.02 4.26 -31.04
N PHE B 423 25.86 4.56 -30.48
CA PHE B 423 24.73 3.68 -30.67
C PHE B 423 23.35 4.32 -30.90
N ASP B 424 22.53 3.61 -31.64
CA ASP B 424 21.10 3.86 -31.62
C ASP B 424 20.45 2.84 -30.71
N PHE B 425 19.54 3.31 -29.86
CA PHE B 425 18.96 2.48 -28.81
C PHE B 425 17.51 2.15 -29.15
N GLU B 426 17.13 0.89 -28.91
CA GLU B 426 15.77 0.42 -29.15
C GLU B 426 15.16 -0.03 -27.84
N ASP B 427 14.00 0.54 -27.51
CA ASP B 427 13.19 0.10 -26.37
C ASP B 427 12.34 -1.09 -26.81
N HIS B 428 13.03 -2.23 -27.00
CA HIS B 428 12.43 -3.35 -27.71
C HIS B 428 11.35 -4.07 -26.89
N THR B 429 11.30 -3.87 -25.58
CA THR B 429 10.26 -4.47 -24.75
C THR B 429 9.18 -3.47 -24.35
N ASN B 430 9.24 -2.23 -24.81
CA ASN B 430 8.35 -1.18 -24.34
C ASN B 430 8.35 -1.16 -22.80
N TYR B 431 9.54 -0.98 -22.26
CA TYR B 431 9.77 -1.19 -20.83
C TYR B 431 8.91 -0.26 -19.98
N GLU B 432 8.27 -0.82 -18.97
CA GLU B 432 7.48 -0.06 -18.01
C GLU B 432 8.32 0.22 -16.78
N LEU B 433 8.49 1.50 -16.46
CA LEU B 433 9.38 1.88 -15.37
C LEU B 433 9.01 1.15 -14.09
N ASP B 434 9.99 0.46 -13.52
CA ASP B 434 9.87 -0.24 -12.25
C ASP B 434 11.08 0.16 -11.41
N ILE B 435 10.85 0.95 -10.37
CA ILE B 435 11.93 1.52 -9.59
C ILE B 435 12.17 0.64 -8.36
N LYS B 436 13.34 0.00 -8.33
CA LYS B 436 13.74 -0.80 -7.18
C LYS B 436 14.33 0.11 -6.12
N GLU B 437 13.97 -0.13 -4.86
CA GLU B 437 14.45 0.65 -3.73
C GLU B 437 15.36 -0.20 -2.88
N THR B 438 16.55 0.29 -2.66
CA THR B 438 17.51 -0.28 -1.70
C THR B 438 18.10 0.91 -0.93
N LEU B 439 17.20 1.64 -0.30
CA LEU B 439 17.44 3.00 0.15
C LEU B 439 17.63 3.90 -1.07
N THR B 440 18.64 3.61 -1.90
CA THR B 440 18.80 4.30 -3.17
C THR B 440 17.80 3.77 -4.20
N LEU B 441 17.70 4.49 -5.32
CA LEU B 441 16.70 4.21 -6.35
C LEU B 441 17.38 3.83 -7.66
N LYS B 442 16.73 2.93 -8.35
CA LYS B 442 17.25 2.49 -9.65
C LYS B 442 16.23 1.68 -10.47
N PRO B 443 16.11 1.91 -11.75
CA PRO B 443 15.18 1.04 -12.50
C PRO B 443 15.62 -0.41 -12.41
N GLU B 444 14.65 -1.31 -12.33
CA GLU B 444 14.92 -2.73 -12.36
C GLU B 444 14.28 -3.34 -13.60
N GLY B 445 14.97 -4.31 -14.20
CA GLY B 445 14.48 -4.94 -15.40
C GLY B 445 14.55 -4.09 -16.65
N PHE B 446 15.21 -2.94 -16.56
CA PHE B 446 15.34 -2.07 -17.73
C PHE B 446 16.31 -2.70 -18.73
N VAL B 447 15.81 -3.06 -19.90
CA VAL B 447 16.62 -3.65 -20.95
C VAL B 447 16.43 -2.85 -22.24
N VAL B 448 17.48 -2.82 -23.07
CA VAL B 448 17.42 -2.21 -24.39
C VAL B 448 18.25 -3.05 -25.35
N LYS B 449 18.08 -2.77 -26.64
CA LYS B 449 18.99 -3.20 -27.68
C LYS B 449 19.72 -1.98 -28.22
N ALA B 450 21.00 -2.15 -28.54
CA ALA B 450 21.84 -1.04 -29.00
C ALA B 450 22.45 -1.44 -30.33
N LYS B 451 22.15 -0.67 -31.37
CA LYS B 451 22.69 -0.90 -32.70
C LYS B 451 23.87 0.03 -32.92
N SER B 452 25.03 -0.53 -33.21
CA SER B 452 26.23 0.26 -33.37
C SER B 452 26.13 1.17 -34.59
N LYS B 453 26.62 2.40 -34.44
CA LYS B 453 26.81 3.30 -35.57
C LYS B 453 28.15 3.07 -36.25
N LYS B 454 28.98 2.15 -35.74
CA LYS B 454 30.21 1.72 -36.40
C LYS B 454 31.24 2.84 -36.46
N ILE B 455 31.38 3.60 -35.38
CA ILE B 455 32.35 4.69 -35.30
C ILE B 455 33.54 4.18 -34.49
N PRO B 456 34.74 4.07 -35.08
CA PRO B 456 35.86 3.45 -34.37
C PRO B 456 36.20 4.16 -33.06
N LEU B 457 36.87 3.41 -32.19
CA LEU B 457 37.16 3.85 -30.83
C LEU B 457 38.67 3.95 -30.61
CHA HEM C . -16.29 -9.84 9.12
CHB HEM C . -19.68 -11.06 5.89
CHC HEM C . -23.11 -10.63 9.33
CHD HEM C . -19.71 -9.42 12.56
C1A HEM C . -16.93 -10.22 7.97
C2A HEM C . -16.28 -10.48 6.75
C3A HEM C . -17.22 -10.82 5.84
C4A HEM C . -18.48 -10.77 6.48
CMA HEM C . -16.98 -11.20 4.40
CAA HEM C . -14.79 -10.41 6.51
CBA HEM C . -14.44 -9.03 5.95
CGA HEM C . -12.94 -8.91 5.81
O1A HEM C . -12.24 -9.95 5.71
O2A HEM C . -12.40 -7.79 5.81
C1B HEM C . -20.89 -11.04 6.58
C2B HEM C . -22.13 -11.35 5.95
C3B HEM C . -23.09 -11.24 6.89
C4B HEM C . -22.42 -10.84 8.14
CMB HEM C . -22.32 -11.73 4.51
CAB HEM C . -24.54 -11.46 6.70
CBB HEM C . -25.01 -11.81 5.51
C1C HEM C . -22.48 -10.27 10.51
C2C HEM C . -23.12 -10.09 11.75
C3C HEM C . -22.15 -9.75 12.66
C4C HEM C . -20.91 -9.72 11.97
CMC HEM C . -24.60 -10.25 12.03
CAC HEM C . -22.36 -9.46 14.10
CBC HEM C . -23.58 -9.53 14.62
C1D HEM C . -18.51 -9.46 11.84
C2D HEM C . -17.23 -9.14 12.49
C3D HEM C . -16.28 -9.25 11.54
C4D HEM C . -16.99 -9.64 10.31
CMD HEM C . -17.02 -8.76 13.93
CAD HEM C . -14.81 -9.03 11.70
CBD HEM C . -14.21 -10.19 12.51
CGD HEM C . -12.74 -9.93 12.74
O1D HEM C . -12.25 -10.09 13.88
O2D HEM C . -12.01 -9.56 11.80
NA HEM C . -18.29 -10.37 7.78
NB HEM C . -21.09 -10.75 7.88
NC HEM C . -21.15 -10.01 10.66
ND HEM C . -18.30 -9.74 10.54
FE HEM C . -19.60 -10.22 9.27
CAM TDZ D . -18.63 -2.27 4.47
CAL TDZ D . -19.76 -2.38 5.44
CBB TDZ D . -20.00 -3.79 5.92
CAZ TDZ D . -21.24 -4.11 6.56
CAC TDZ D . -22.23 -3.01 6.73
CBA TDZ D . -21.46 -5.47 7.06
OAG TDZ D . -22.62 -5.78 7.64
CAX TDZ D . -20.45 -6.51 6.91
CAA TDZ D . -20.75 -7.90 7.45
CAY TDZ D . -19.15 -6.17 6.25
CAB TDZ D . -18.08 -7.16 6.03
CBC TDZ D . -18.95 -4.79 5.77
OAR TDZ D . -17.83 -4.48 5.10
CBE TDZ D . -17.44 -3.18 4.80
CAD TDZ D . -16.69 -2.67 6.00
CAN TDZ D . -16.50 -3.22 3.64
OAQ TDZ D . -16.99 -3.84 2.49
CAW TDZ D . -16.33 -3.67 1.33
CAK TDZ D . -14.97 -3.47 1.24
CAI TDZ D . -14.31 -3.27 0.03
CAJ TDZ D . -17.04 -3.65 0.15
CAH TDZ D . -16.42 -3.46 -1.04
CAV TDZ D . -15.07 -3.27 -1.12
CAO TDZ D . -14.45 -3.09 -2.48
CBD TDZ D . -14.12 -1.71 -2.97
SAS TDZ D . -13.02 -1.87 -4.35
CAT TDZ D . -13.93 -0.70 -5.10
OAE TDZ D . -13.43 0.02 -5.92
NAP TDZ D . -15.18 -0.55 -4.72
CAU TDZ D . -15.36 -1.04 -3.52
OAF TDZ D . -16.43 -1.01 -2.97
CHA HEM E . 26.68 12.37 0.44
CHB HEM E . 23.93 12.11 -3.53
CHC HEM E . 27.70 10.25 -6.02
CHD HEM E . 30.44 10.52 -2.03
C1A HEM E . 25.64 12.45 -0.45
C2A HEM E . 24.37 12.99 -0.12
C3A HEM E . 23.60 12.92 -1.23
C4A HEM E . 24.37 12.34 -2.26
CMA HEM E . 22.16 13.38 -1.35
CAA HEM E . 23.96 13.54 1.22
CBA HEM E . 23.39 12.41 2.08
CGA HEM E . 23.00 12.94 3.43
O1A HEM E . 22.86 12.17 4.39
O2A HEM E . 22.84 14.18 3.59
C1B HEM E . 24.75 11.58 -4.53
C2B HEM E . 24.29 11.36 -5.85
C3B HEM E . 25.32 10.84 -6.58
C4B HEM E . 26.45 10.75 -5.63
CMB HEM E . 22.90 11.64 -6.38
CAB HEM E . 25.31 10.45 -7.99
CBB HEM E . 24.20 10.60 -8.72
C1C HEM E . 28.78 10.17 -5.15
C2C HEM E . 30.06 9.72 -5.50
C3C HEM E . 30.85 9.80 -4.36
C4C HEM E . 30.02 10.30 -3.32
CMC HEM E . 30.51 9.26 -6.86
CAC HEM E . 32.27 9.45 -4.25
CBC HEM E . 32.92 8.99 -5.31
C1D HEM E . 29.60 11.05 -1.06
C2D HEM E . 30.08 11.29 0.31
C3D HEM E . 29.04 11.80 0.99
C4D HEM E . 27.92 11.88 0.05
CMD HEM E . 31.46 11.01 0.83
CAD HEM E . 29.03 12.22 2.44
CBD HEM E . 29.69 13.58 2.58
CGD HEM E . 29.82 13.93 4.04
O1D HEM E . 28.79 13.95 4.77
O2D HEM E . 30.93 14.20 4.54
NA HEM E . 25.61 12.05 -1.76
NB HEM E . 26.04 11.21 -4.44
NC HEM E . 28.76 10.49 -3.82
ND HEM E . 28.31 11.42 -1.16
FE HEM E . 27.22 11.33 -2.69
CAM TDZ F . 21.86 4.78 1.13
CAL TDZ F . 23.01 4.24 0.31
CBB TDZ F . 23.70 5.36 -0.43
CAZ TDZ F . 24.46 5.07 -1.62
CAC TDZ F . 24.55 3.66 -2.02
CBA TDZ F . 25.13 6.16 -2.33
OAG TDZ F . 25.83 5.85 -3.42
CAX TDZ F . 25.04 7.56 -1.88
CAA TDZ F . 25.76 8.66 -2.64
CAY TDZ F . 24.24 7.85 -0.66
CAB TDZ F . 24.07 9.20 -0.10
CBC TDZ F . 23.59 6.75 0.06
OAR TDZ F . 22.82 7.04 1.12
CBE TDZ F . 22.22 6.05 1.90
CAD TDZ F . 23.34 5.64 2.83
CAN TDZ F . 21.02 6.64 2.62
OAQ TDZ F . 19.92 6.81 1.77
CAW TDZ F . 18.66 6.93 2.30
CAK TDZ F . 18.43 7.39 3.58
CAI TDZ F . 17.14 7.53 4.08
CAJ TDZ F . 17.58 6.62 1.52
CAH TDZ F . 16.33 6.74 2.00
CAV TDZ F . 16.09 7.18 3.27
CAO TDZ F . 14.65 7.32 3.69
CBD TDZ F . 14.08 6.32 4.63
SAS TDZ F . 12.73 7.04 5.49
CAT TDZ F . 11.93 5.59 5.36
OAE TDZ F . 11.05 5.34 6.14
NAP TDZ F . 12.34 4.75 4.44
CAU TDZ F . 13.51 5.11 3.96
OAF TDZ F . 14.03 4.55 3.06
#